data_2VW5
#
_entry.id   2VW5
#
_cell.length_a   104.193
_cell.length_b   104.785
_cell.length_c   109.913
_cell.angle_alpha   90.00
_cell.angle_beta   89.98
_cell.angle_gamma   90.00
#
_symmetry.space_group_name_H-M   'C 1 2 1'
#
loop_
_entity.id
_entity.type
_entity.pdbx_description
1 polymer 'ATP-DEPENDENT MOLECULAR CHAPERONE HSP82'
2 non-polymer '(4E,8S,9R,10E,12S,13R,14S,16R)-13,20-dihydroxy-14-methoxy-4,8,10,12,16-pentamethyl-3-oxo-2-azabicyclo[16.3.1]docosa-1(22),4,10,18,20-pentaen-9-yl carbamate'
3 non-polymer 'SULFATE ION'
4 water water
#
_entity_poly.entity_id   1
_entity_poly.type   'polypeptide(L)'
_entity_poly.pdbx_seq_one_letter_code
;MASETFEFQAEITQLMSLIINTVYSNKEIFLRELISNASDALDKIRYKSLSDPKQLETEPDLFIRITPKPEQKVLEIRDS
GIGMTKAELINNLGTIAKSGTKAFMEALSAGADVSMIGQFGVGFYSLFLVADRVQVISKSNDDEQYIWESNAGGSFTVTL
DEVNERIGRGTILRLFLKDDQLEYLEEKRIKEVIKRHSEFVAYPIQLVVTKEVE
;
_entity_poly.pdbx_strand_id   A,B,C,D
#
loop_
_chem_comp.id
_chem_comp.type
_chem_comp.name
_chem_comp.formula
BC6 non-polymer '(4E,8S,9R,10E,12S,13R,14S,16R)-13,20-dihydroxy-14-methoxy-4,8,10,12,16-pentamethyl-3-oxo-2-azabicyclo[16.3.1]docosa-1(22),4,10,18,20-pentaen-9-yl carbamate' 'C28 H42 N2 O6'
SO4 non-polymer 'SULFATE ION' 'O4 S -2'
#
# COMPACT_ATOMS: atom_id res chain seq x y z
N MET A 1 1.83 -31.97 -22.05
CA MET A 1 1.99 -30.48 -22.19
C MET A 1 3.44 -30.02 -22.23
N ALA A 2 3.76 -29.18 -23.23
CA ALA A 2 5.08 -28.57 -23.35
C ALA A 2 5.30 -27.50 -22.28
N SER A 3 6.40 -27.63 -21.54
CA SER A 3 6.78 -26.68 -20.53
C SER A 3 7.46 -25.46 -21.16
N GLU A 4 7.29 -24.29 -20.56
CA GLU A 4 8.13 -23.15 -20.87
C GLU A 4 9.15 -22.97 -19.77
N THR A 5 10.40 -22.73 -20.15
CA THR A 5 11.49 -22.56 -19.20
C THR A 5 11.89 -21.10 -19.07
N PHE A 6 12.16 -20.65 -17.84
CA PHE A 6 12.54 -19.26 -17.58
C PHE A 6 13.77 -19.22 -16.70
N GLU A 7 14.60 -18.21 -16.86
CA GLU A 7 15.75 -18.03 -15.98
C GLU A 7 15.30 -17.20 -14.79
N PHE A 8 15.73 -17.56 -13.58
CA PHE A 8 15.52 -16.71 -12.40
C PHE A 8 16.39 -15.45 -12.53
N GLN A 9 15.89 -14.30 -12.06
CA GLN A 9 16.77 -13.15 -11.89
C GLN A 9 17.93 -13.57 -10.98
N ALA A 10 19.12 -13.07 -11.27
CA ALA A 10 20.34 -13.47 -10.55
C ALA A 10 20.23 -13.34 -9.04
N GLU A 11 19.56 -12.29 -8.58
CA GLU A 11 19.42 -12.04 -7.16
C GLU A 11 18.57 -13.10 -6.45
N ILE A 12 17.57 -13.62 -7.16
CA ILE A 12 16.76 -14.76 -6.67
C ILE A 12 17.56 -16.06 -6.60
N THR A 13 18.32 -16.37 -7.64
CA THR A 13 19.28 -17.47 -7.53
C THR A 13 20.20 -17.33 -6.30
N GLN A 14 20.75 -16.12 -6.08
CA GLN A 14 21.62 -15.82 -4.92
C GLN A 14 20.89 -16.11 -3.63
N LEU A 15 19.62 -15.68 -3.59
CA LEU A 15 18.77 -15.87 -2.41
C LEU A 15 18.58 -17.35 -2.19
N MET A 16 18.28 -18.09 -3.25
CA MET A 16 18.02 -19.52 -3.08
C MET A 16 19.27 -20.27 -2.58
N SER A 17 20.44 -19.89 -3.08
CA SER A 17 21.70 -20.49 -2.61
C SER A 17 22.00 -20.16 -1.16
N LEU A 18 21.75 -18.91 -0.77
CA LEU A 18 21.91 -18.45 0.61
C LEU A 18 21.10 -19.27 1.58
N ILE A 19 19.84 -19.52 1.22
CA ILE A 19 18.91 -20.30 2.04
C ILE A 19 19.23 -21.81 2.03
N ILE A 20 19.58 -22.34 0.86
CA ILE A 20 19.95 -23.75 0.74
C ILE A 20 21.24 -24.07 1.50
N ASN A 21 22.23 -23.19 1.42
CA ASN A 21 23.59 -23.49 1.89
C ASN A 21 24.00 -22.83 3.22
N THR A 22 23.47 -21.63 3.50
CA THR A 22 23.91 -20.78 4.61
C THR A 22 23.12 -20.84 5.95
N VAL A 23 21.87 -21.32 5.95
CA VAL A 23 21.11 -21.38 7.22
C VAL A 23 20.90 -22.80 7.80
N TYR A 24 21.18 -22.89 9.09
CA TYR A 24 21.44 -24.15 9.76
C TYR A 24 20.40 -24.52 10.79
N SER A 25 19.73 -23.54 11.39
CA SER A 25 18.70 -23.93 12.33
C SER A 25 17.41 -23.10 12.25
N ASN A 26 16.48 -23.46 13.13
CA ASN A 26 15.10 -22.99 13.07
C ASN A 26 14.50 -23.19 11.66
N LYS A 27 14.77 -24.34 11.03
CA LYS A 27 14.24 -24.61 9.67
C LYS A 27 12.70 -24.73 9.63
N GLU A 28 12.12 -25.07 10.78
CA GLU A 28 10.65 -25.18 10.89
C GLU A 28 9.87 -23.89 10.55
N ILE A 29 10.56 -22.75 10.49
CA ILE A 29 9.86 -21.51 10.17
C ILE A 29 9.25 -21.52 8.77
N PHE A 30 9.71 -22.41 7.88
CA PHE A 30 9.12 -22.48 6.54
C PHE A 30 7.61 -22.69 6.63
N LEU A 31 7.16 -23.41 7.65
CA LEU A 31 5.73 -23.78 7.67
C LEU A 31 4.93 -22.54 7.99
N ARG A 32 5.36 -21.77 8.99
CA ARG A 32 4.65 -20.54 9.31
C ARG A 32 4.61 -19.59 8.13
N GLU A 33 5.72 -19.48 7.38
CA GLU A 33 5.69 -18.63 6.16
C GLU A 33 4.69 -19.08 5.11
N LEU A 34 4.65 -20.38 4.82
CA LEU A 34 3.75 -20.90 3.79
C LEU A 34 2.30 -20.82 4.22
N ILE A 35 2.05 -21.01 5.51
CA ILE A 35 0.70 -20.79 6.07
C ILE A 35 0.28 -19.31 6.01
N SER A 36 1.22 -18.40 6.30
CA SER A 36 0.94 -16.96 6.19
CA SER A 36 0.92 -16.97 6.19
C SER A 36 0.58 -16.59 4.74
N ASN A 37 1.36 -17.13 3.79
CA ASN A 37 1.09 -16.91 2.36
C ASN A 37 -0.32 -17.40 2.01
N ALA A 38 -0.66 -18.62 2.48
CA ALA A 38 -1.96 -19.22 2.22
C ALA A 38 -3.08 -18.34 2.80
N SER A 39 -2.88 -17.90 4.04
CA SER A 39 -3.78 -16.92 4.68
C SER A 39 -3.97 -15.63 3.87
N ASP A 40 -2.90 -15.04 3.36
CA ASP A 40 -2.99 -13.89 2.46
C ASP A 40 -3.84 -14.20 1.22
N ALA A 41 -3.64 -15.37 0.61
CA ALA A 41 -4.40 -15.71 -0.60
C ALA A 41 -5.90 -15.87 -0.32
N LEU A 42 -6.20 -16.42 0.85
CA LEU A 42 -7.57 -16.54 1.32
C LEU A 42 -8.21 -15.17 1.66
N ASP A 43 -7.45 -14.29 2.29
CA ASP A 43 -7.90 -12.91 2.52
C ASP A 43 -8.32 -12.31 1.20
N LYS A 44 -7.53 -12.53 0.15
CA LYS A 44 -7.72 -11.84 -1.11
C LYS A 44 -8.98 -12.28 -1.80
N ILE A 45 -9.25 -13.58 -1.80
CA ILE A 45 -10.51 -14.09 -2.40
C ILE A 45 -11.71 -13.70 -1.54
N ARG A 46 -11.55 -13.73 -0.22
CA ARG A 46 -12.64 -13.30 0.69
C ARG A 46 -12.97 -11.85 0.43
N TYR A 47 -11.95 -11.00 0.34
CA TYR A 47 -12.19 -9.61 0.00
C TYR A 47 -12.84 -9.42 -1.38
N LYS A 48 -12.33 -10.11 -2.39
CA LYS A 48 -12.90 -10.05 -3.71
C LYS A 48 -14.39 -10.41 -3.71
N SER A 49 -14.75 -11.40 -2.89
CA SER A 49 -16.13 -11.95 -2.86
C SER A 49 -17.14 -10.98 -2.26
N LEU A 50 -16.66 -9.99 -1.50
CA LEU A 50 -17.50 -8.95 -0.92
C LEU A 50 -18.38 -8.28 -1.99
N SER A 51 -17.75 -7.95 -3.11
CA SER A 51 -18.45 -7.26 -4.20
C SER A 51 -18.63 -8.13 -5.44
N ASP A 52 -18.05 -9.33 -5.40
CA ASP A 52 -18.20 -10.28 -6.51
C ASP A 52 -18.37 -11.68 -5.94
N PRO A 53 -19.53 -11.96 -5.30
CA PRO A 53 -19.68 -13.20 -4.54
C PRO A 53 -19.62 -14.49 -5.37
N LYS A 54 -19.94 -14.39 -6.65
CA LYS A 54 -19.85 -15.55 -7.55
C LYS A 54 -18.40 -16.10 -7.67
N GLN A 55 -17.41 -15.26 -7.39
CA GLN A 55 -16.00 -15.69 -7.32
C GLN A 55 -15.74 -16.90 -6.40
N LEU A 56 -16.58 -17.06 -5.39
CA LEU A 56 -16.44 -18.16 -4.43
C LEU A 56 -16.95 -19.49 -4.96
N GLU A 57 -17.83 -19.46 -5.97
CA GLU A 57 -18.49 -20.70 -6.43
C GLU A 57 -17.57 -21.81 -6.95
N THR A 58 -16.38 -21.44 -7.39
CA THR A 58 -15.41 -22.43 -7.87
C THR A 58 -14.88 -23.30 -6.72
N GLU A 59 -14.95 -22.77 -5.49
CA GLU A 59 -14.59 -23.49 -4.25
C GLU A 59 -15.14 -22.74 -3.04
N PRO A 60 -16.34 -23.11 -2.59
CA PRO A 60 -17.05 -22.30 -1.60
C PRO A 60 -16.44 -22.30 -0.18
N ASP A 61 -15.65 -23.32 0.15
CA ASP A 61 -15.05 -23.40 1.48
C ASP A 61 -13.64 -22.77 1.46
N LEU A 62 -13.37 -21.97 2.48
CA LEU A 62 -12.07 -21.30 2.63
C LEU A 62 -11.28 -22.10 3.66
N PHE A 63 -10.14 -22.65 3.24
CA PHE A 63 -9.37 -23.49 4.15
C PHE A 63 -7.90 -23.53 3.77
N ILE A 64 -7.11 -23.91 4.75
CA ILE A 64 -5.69 -24.23 4.56
C ILE A 64 -5.62 -25.74 4.85
N ARG A 65 -4.96 -26.49 4.00
CA ARG A 65 -4.89 -27.95 4.24
C ARG A 65 -3.45 -28.48 4.05
N ILE A 66 -2.97 -29.24 5.03
CA ILE A 66 -1.61 -29.74 5.01
C ILE A 66 -1.67 -31.26 4.83
N THR A 67 -1.00 -31.78 3.81
CA THR A 67 -1.03 -33.24 3.49
C THR A 67 0.39 -33.85 3.34
N PRO A 68 0.89 -34.52 4.42
CA PRO A 68 2.12 -35.34 4.26
C PRO A 68 1.83 -36.55 3.37
N LYS A 69 2.79 -36.87 2.48
CA LYS A 69 2.71 -38.00 1.54
C LYS A 69 4.03 -38.72 1.72
N PRO A 70 4.14 -39.50 2.82
CA PRO A 70 5.42 -40.08 3.19
C PRO A 70 6.06 -40.97 2.12
N GLU A 71 5.27 -41.73 1.36
CA GLU A 71 5.84 -42.57 0.29
C GLU A 71 6.67 -41.76 -0.70
N GLN A 72 6.17 -40.58 -1.08
CA GLN A 72 6.85 -39.74 -2.04
C GLN A 72 7.82 -38.77 -1.39
N LYS A 73 7.92 -38.79 -0.06
CA LYS A 73 8.68 -37.78 0.71
C LYS A 73 8.22 -36.36 0.32
N VAL A 74 6.91 -36.18 0.29
CA VAL A 74 6.27 -34.93 -0.12
C VAL A 74 5.41 -34.40 1.01
N LEU A 75 5.47 -33.08 1.20
CA LEU A 75 4.53 -32.34 2.06
C LEU A 75 3.79 -31.32 1.22
N GLU A 76 2.44 -31.39 1.21
CA GLU A 76 1.65 -30.41 0.43
C GLU A 76 0.94 -29.40 1.34
N ILE A 77 1.04 -28.14 0.97
CA ILE A 77 0.35 -27.05 1.71
C ILE A 77 -0.59 -26.44 0.67
N ARG A 78 -1.87 -26.64 0.91
CA ARG A 78 -2.92 -26.20 0.00
C ARG A 78 -3.76 -25.10 0.64
N ASP A 79 -4.21 -24.14 -0.20
CA ASP A 79 -5.22 -23.19 0.22
C ASP A 79 -6.29 -23.08 -0.86
N SER A 80 -7.49 -22.64 -0.47
CA SER A 80 -8.54 -22.29 -1.46
C SER A 80 -8.59 -20.76 -1.64
N GLY A 81 -7.44 -20.12 -1.62
CA GLY A 81 -7.40 -18.67 -1.81
C GLY A 81 -7.59 -18.27 -3.26
N ILE A 82 -7.15 -17.05 -3.57
CA ILE A 82 -7.34 -16.47 -4.92
C ILE A 82 -6.67 -17.22 -6.11
N GLY A 83 -5.55 -17.87 -5.85
CA GLY A 83 -4.79 -18.57 -6.90
C GLY A 83 -4.03 -17.57 -7.75
N MET A 84 -3.27 -18.11 -8.72
CA MET A 84 -2.43 -17.32 -9.59
C MET A 84 -2.57 -17.78 -11.01
N THR A 85 -2.61 -16.82 -11.95
CA THR A 85 -2.68 -17.14 -13.37
C THR A 85 -1.27 -17.50 -13.84
N LYS A 86 -1.14 -18.00 -15.07
CA LYS A 86 0.17 -18.28 -15.67
C LYS A 86 1.10 -17.02 -15.62
N ALA A 87 0.59 -15.88 -16.07
CA ALA A 87 1.40 -14.63 -16.06
C ALA A 87 1.84 -14.24 -14.63
N GLU A 88 0.95 -14.42 -13.66
CA GLU A 88 1.26 -14.15 -12.25
C GLU A 88 2.35 -15.05 -11.69
N LEU A 89 2.29 -16.32 -12.00
CA LEU A 89 3.38 -17.25 -11.63
C LEU A 89 4.72 -16.80 -12.23
N ILE A 90 4.73 -16.51 -13.52
CA ILE A 90 5.99 -16.15 -14.24
C ILE A 90 6.56 -14.85 -13.62
N ASN A 91 5.69 -13.88 -13.39
CA ASN A 91 6.11 -12.55 -12.95
C ASN A 91 6.50 -12.47 -11.48
N ASN A 92 5.93 -13.34 -10.65
CA ASN A 92 6.09 -13.23 -9.20
C ASN A 92 6.99 -14.29 -8.54
N LEU A 93 7.21 -15.37 -9.29
CA LEU A 93 8.01 -16.49 -8.83
C LEU A 93 9.31 -16.71 -9.63
N GLY A 94 9.95 -15.63 -10.04
CA GLY A 94 11.35 -15.78 -10.43
C GLY A 94 11.96 -14.86 -11.47
N THR A 95 11.13 -14.32 -12.35
CA THR A 95 11.70 -13.51 -13.44
C THR A 95 12.03 -12.08 -13.01
N ILE A 96 11.39 -11.60 -11.95
CA ILE A 96 11.54 -10.22 -11.48
C ILE A 96 11.96 -10.25 -10.00
N ALA A 97 13.08 -9.63 -9.66
CA ALA A 97 13.47 -9.57 -8.24
C ALA A 97 12.62 -8.54 -7.47
N LYS A 98 11.78 -9.04 -6.58
CA LYS A 98 10.85 -8.25 -5.77
C LYS A 98 11.57 -7.30 -4.83
N SER A 99 10.91 -6.21 -4.44
CA SER A 99 11.45 -5.33 -3.42
C SER A 99 11.62 -6.22 -2.18
N GLY A 100 12.75 -6.07 -1.51
CA GLY A 100 13.03 -6.86 -0.33
C GLY A 100 14.04 -7.99 -0.51
N THR A 101 14.17 -8.50 -1.74
CA THR A 101 15.08 -9.60 -2.04
C THR A 101 16.53 -9.29 -1.60
N LYS A 102 17.11 -8.24 -2.19
CA LYS A 102 18.45 -7.79 -1.82
C LYS A 102 18.55 -7.34 -0.38
N ALA A 103 17.54 -6.60 0.11
CA ALA A 103 17.53 -6.12 1.50
C ALA A 103 17.58 -7.26 2.49
N PHE A 104 16.79 -8.31 2.23
CA PHE A 104 16.80 -9.51 3.09
C PHE A 104 18.15 -10.22 3.11
N MET A 105 18.76 -10.40 1.95
CA MET A 105 20.07 -11.05 1.84
C MET A 105 21.12 -10.28 2.63
N GLU A 106 21.07 -8.96 2.54
CA GLU A 106 21.94 -8.08 3.34
C GLU A 106 21.66 -8.23 4.85
N ALA A 107 20.38 -8.28 5.23
CA ALA A 107 20.00 -8.44 6.64
C ALA A 107 20.49 -9.79 7.18
N LEU A 108 20.23 -10.87 6.44
CA LEU A 108 20.59 -12.23 6.86
C LEU A 108 22.09 -12.33 7.08
N SER A 109 22.84 -11.73 6.15
CA SER A 109 24.30 -11.76 6.19
C SER A 109 24.88 -10.95 7.35
N ALA A 110 24.16 -9.91 7.78
CA ALA A 110 24.57 -9.08 8.91
C ALA A 110 24.12 -9.69 10.24
N GLY A 111 23.40 -10.80 10.18
CA GLY A 111 23.02 -11.58 11.35
C GLY A 111 21.54 -11.63 11.72
N ALA A 112 20.66 -11.10 10.88
CA ALA A 112 19.20 -11.24 11.12
C ALA A 112 18.76 -12.71 11.23
N ASP A 113 17.82 -13.00 12.13
CA ASP A 113 17.13 -14.29 12.19
C ASP A 113 16.56 -14.59 10.77
N VAL A 114 16.63 -15.84 10.30
CA VAL A 114 15.99 -16.19 9.03
C VAL A 114 14.46 -16.05 9.21
N SER A 115 13.98 -16.11 10.46
CA SER A 115 12.57 -15.90 10.72
C SER A 115 12.05 -14.53 10.27
N MET A 116 12.95 -13.59 10.06
CA MET A 116 12.55 -12.26 9.62
C MET A 116 12.20 -12.19 8.13
N ILE A 117 12.35 -13.31 7.41
CA ILE A 117 12.22 -13.34 5.93
C ILE A 117 10.87 -12.80 5.47
N GLY A 118 9.81 -13.11 6.25
CA GLY A 118 8.45 -12.67 5.94
C GLY A 118 8.29 -11.15 5.96
N GLN A 119 9.04 -10.47 6.83
CA GLN A 119 9.03 -8.99 6.87
C GLN A 119 9.66 -8.33 5.63
N PHE A 120 10.38 -9.12 4.85
CA PHE A 120 11.00 -8.65 3.60
C PHE A 120 10.22 -9.06 2.34
N GLY A 121 9.14 -9.81 2.53
CA GLY A 121 8.26 -10.20 1.42
C GLY A 121 8.80 -11.31 0.53
N VAL A 122 9.77 -12.08 1.04
CA VAL A 122 10.37 -13.20 0.27
C VAL A 122 10.31 -14.56 1.01
N GLY A 123 9.43 -14.67 2.00
CA GLY A 123 9.26 -15.89 2.79
C GLY A 123 8.91 -17.17 2.05
N PHE A 124 8.37 -17.03 0.84
CA PHE A 124 8.14 -18.21 -0.02
C PHE A 124 9.40 -19.07 -0.11
N TYR A 125 10.55 -18.38 -0.23
CA TYR A 125 11.83 -19.04 -0.48
C TYR A 125 12.38 -19.78 0.74
N SER A 126 11.76 -19.58 1.90
CA SER A 126 12.10 -20.35 3.10
C SER A 126 11.78 -21.86 2.95
N LEU A 127 10.91 -22.23 2.01
CA LEU A 127 10.68 -23.65 1.69
C LEU A 127 11.95 -24.36 1.30
N PHE A 128 12.93 -23.65 0.73
CA PHE A 128 14.21 -24.30 0.40
C PHE A 128 15.03 -24.67 1.62
N LEU A 129 14.55 -24.27 2.81
CA LEU A 129 15.16 -24.79 4.06
C LEU A 129 14.97 -26.28 4.22
N VAL A 130 13.81 -26.80 3.80
CA VAL A 130 13.51 -28.22 3.99
C VAL A 130 13.36 -29.04 2.72
N ALA A 131 13.35 -28.36 1.57
CA ALA A 131 13.03 -28.99 0.30
C ALA A 131 14.04 -28.65 -0.75
N ASP A 132 14.32 -29.61 -1.62
CA ASP A 132 15.27 -29.36 -2.72
C ASP A 132 14.57 -29.21 -4.08
N ARG A 133 13.25 -29.40 -4.09
CA ARG A 133 12.46 -29.31 -5.31
C ARG A 133 11.05 -28.90 -4.85
N VAL A 134 10.36 -28.09 -5.65
CA VAL A 134 9.00 -27.63 -5.32
C VAL A 134 8.17 -27.51 -6.60
N GLN A 135 6.92 -27.97 -6.52
CA GLN A 135 5.93 -27.56 -7.49
C GLN A 135 4.91 -26.59 -6.84
N VAL A 136 4.63 -25.49 -7.53
CA VAL A 136 3.47 -24.68 -7.15
C VAL A 136 2.38 -24.91 -8.19
N ILE A 137 1.27 -25.48 -7.73
CA ILE A 137 0.14 -25.80 -8.61
C ILE A 137 -0.94 -24.81 -8.28
N SER A 138 -1.44 -24.07 -9.27
CA SER A 138 -2.33 -22.95 -8.96
C SER A 138 -3.45 -22.80 -9.96
N LYS A 139 -4.63 -22.48 -9.42
CA LYS A 139 -5.84 -22.25 -10.22
C LYS A 139 -6.50 -20.92 -9.78
N SER A 140 -6.36 -19.90 -10.63
CA SER A 140 -7.07 -18.64 -10.48
C SER A 140 -8.40 -18.79 -11.21
N ASN A 141 -9.46 -18.17 -10.71
CA ASN A 141 -10.72 -18.09 -11.48
C ASN A 141 -10.49 -17.53 -12.89
N ASP A 142 -9.40 -16.80 -13.07
CA ASP A 142 -9.13 -16.09 -14.32
C ASP A 142 -8.25 -16.85 -15.35
N ASP A 143 -7.81 -18.06 -15.03
CA ASP A 143 -6.95 -18.83 -15.93
C ASP A 143 -7.18 -20.33 -15.75
N GLU A 144 -6.50 -21.11 -16.58
CA GLU A 144 -6.46 -22.55 -16.45
C GLU A 144 -5.56 -22.93 -15.26
N GLN A 145 -5.56 -24.20 -14.87
CA GLN A 145 -4.64 -24.64 -13.79
C GLN A 145 -3.22 -24.83 -14.37
N TYR A 146 -2.22 -24.28 -13.70
CA TYR A 146 -0.79 -24.34 -14.13
C TYR A 146 0.15 -24.83 -13.02
N ILE A 147 1.31 -25.36 -13.42
CA ILE A 147 2.32 -25.89 -12.52
C ILE A 147 3.61 -25.14 -12.73
N TRP A 148 4.07 -24.48 -11.68
CA TRP A 148 5.41 -23.87 -11.70
C TRP A 148 6.33 -24.84 -10.98
N GLU A 149 7.56 -25.00 -11.46
CA GLU A 149 8.44 -26.00 -10.83
C GLU A 149 9.86 -25.54 -10.78
N SER A 150 10.46 -25.65 -9.59
CA SER A 150 11.88 -25.37 -9.41
C SER A 150 12.62 -26.48 -8.67
N ASN A 151 13.86 -26.73 -9.10
CA ASN A 151 14.74 -27.69 -8.45
C ASN A 151 15.91 -26.99 -7.76
N ALA A 152 15.67 -25.77 -7.28
CA ALA A 152 16.68 -24.96 -6.62
C ALA A 152 17.89 -24.60 -7.51
N GLY A 153 17.79 -24.94 -8.80
CA GLY A 153 18.76 -24.53 -9.82
C GLY A 153 18.35 -23.18 -10.38
N GLY A 154 19.06 -22.68 -11.40
CA GLY A 154 18.86 -21.31 -11.91
C GLY A 154 17.72 -21.05 -12.90
N SER A 155 16.91 -22.06 -13.19
CA SER A 155 15.79 -21.88 -14.08
C SER A 155 14.57 -22.58 -13.49
N PHE A 156 13.40 -22.16 -13.93
CA PHE A 156 12.15 -22.80 -13.55
C PHE A 156 11.28 -23.06 -14.76
N THR A 157 10.27 -23.92 -14.62
CA THR A 157 9.36 -24.17 -15.73
C THR A 157 7.93 -23.83 -15.34
N VAL A 158 7.10 -23.49 -16.32
CA VAL A 158 5.66 -23.31 -16.12
C VAL A 158 4.97 -24.14 -17.20
N THR A 159 4.03 -24.97 -16.76
CA THR A 159 3.41 -26.00 -17.64
C THR A 159 1.90 -26.04 -17.35
N LEU A 160 1.08 -26.01 -18.38
CA LEU A 160 -0.36 -26.17 -18.28
C LEU A 160 -0.60 -27.54 -17.62
N ASP A 161 -1.48 -27.57 -16.61
CA ASP A 161 -1.62 -28.71 -15.73
C ASP A 161 -2.64 -29.69 -16.28
N GLU A 162 -2.14 -30.80 -16.82
CA GLU A 162 -2.99 -31.92 -17.24
C GLU A 162 -2.66 -33.19 -16.45
N VAL A 163 -2.11 -33.04 -15.25
CA VAL A 163 -1.61 -34.22 -14.47
C VAL A 163 -2.04 -34.26 -12.99
N ASN A 164 -2.38 -33.12 -12.40
CA ASN A 164 -2.78 -33.12 -10.99
C ASN A 164 -4.27 -33.02 -10.79
N GLU A 165 -4.74 -33.33 -9.60
CA GLU A 165 -6.17 -33.12 -9.25
C GLU A 165 -6.58 -31.69 -9.55
N ARG A 166 -7.82 -31.53 -9.99
CA ARG A 166 -8.39 -30.21 -10.13
C ARG A 166 -8.51 -29.64 -8.75
N ILE A 167 -7.97 -28.45 -8.57
N ILE A 167 -8.03 -28.43 -8.52
CA ILE A 167 -8.35 -27.68 -7.42
CA ILE A 167 -8.10 -27.92 -7.15
C ILE A 167 -9.47 -26.77 -7.96
C ILE A 167 -9.26 -26.92 -6.95
N GLY A 168 -10.51 -26.58 -7.16
N GLY A 168 -10.02 -26.68 -8.02
CA GLY A 168 -11.56 -25.68 -7.59
CA GLY A 168 -11.17 -25.79 -7.96
C GLY A 168 -11.00 -24.29 -7.84
C GLY A 168 -10.75 -24.34 -8.01
N ARG A 169 -10.16 -23.84 -6.93
CA ARG A 169 -9.53 -22.51 -6.94
C ARG A 169 -8.47 -22.56 -5.83
N GLY A 170 -7.33 -21.93 -6.06
CA GLY A 170 -6.35 -21.82 -4.97
C GLY A 170 -5.00 -22.34 -5.42
N THR A 171 -4.19 -22.77 -4.45
CA THR A 171 -2.80 -23.13 -4.76
C THR A 171 -2.35 -24.31 -3.89
N ILE A 172 -1.50 -25.19 -4.45
CA ILE A 172 -0.82 -26.24 -3.69
C ILE A 172 0.67 -25.99 -3.81
N LEU A 173 1.33 -25.86 -2.66
CA LEU A 173 2.75 -25.97 -2.55
C LEU A 173 3.12 -27.44 -2.31
N ARG A 174 3.69 -28.06 -3.34
CA ARG A 174 4.14 -29.45 -3.21
C ARG A 174 5.66 -29.48 -2.97
N LEU A 175 6.04 -29.70 -1.71
CA LEU A 175 7.46 -29.71 -1.32
C LEU A 175 7.98 -31.13 -1.34
N PHE A 176 9.05 -31.34 -2.10
CA PHE A 176 9.80 -32.60 -2.12
C PHE A 176 10.90 -32.48 -1.07
N LEU A 177 10.67 -33.08 0.08
CA LEU A 177 11.54 -32.91 1.24
C LEU A 177 12.91 -33.56 1.09
N LYS A 178 13.92 -32.87 1.62
CA LYS A 178 15.26 -33.43 1.72
C LYS A 178 15.21 -34.62 2.68
N ASP A 179 16.07 -35.60 2.44
CA ASP A 179 16.15 -36.82 3.30
C ASP A 179 16.38 -36.54 4.78
N ASP A 180 17.02 -35.42 5.10
CA ASP A 180 17.25 -35.15 6.52
C ASP A 180 16.16 -34.27 7.16
N GLN A 181 15.05 -34.05 6.44
CA GLN A 181 13.96 -33.18 6.89
C GLN A 181 12.59 -33.87 6.86
N LEU A 182 12.60 -35.21 6.98
CA LEU A 182 11.37 -36.00 6.90
C LEU A 182 10.55 -35.98 8.19
N GLU A 183 11.09 -35.40 9.25
CA GLU A 183 10.30 -35.14 10.44
C GLU A 183 9.03 -34.33 10.09
N TYR A 184 9.10 -33.55 9.01
CA TYR A 184 7.94 -32.75 8.60
C TYR A 184 6.80 -33.53 7.92
N LEU A 185 6.93 -34.87 7.87
CA LEU A 185 5.86 -35.75 7.41
C LEU A 185 5.05 -36.32 8.58
N GLU A 186 5.58 -36.17 9.80
CA GLU A 186 4.99 -36.71 11.02
C GLU A 186 3.88 -35.82 11.56
N GLU A 187 2.73 -36.44 11.85
CA GLU A 187 1.57 -35.72 12.39
C GLU A 187 1.91 -34.86 13.63
N LYS A 188 2.57 -35.47 14.61
CA LYS A 188 2.83 -34.80 15.87
C LYS A 188 3.71 -33.57 15.67
N ARG A 189 4.75 -33.71 14.85
CA ARG A 189 5.68 -32.60 14.58
C ARG A 189 4.99 -31.42 13.85
N ILE A 190 4.06 -31.71 12.93
CA ILE A 190 3.33 -30.68 12.19
CA ILE A 190 3.36 -30.66 12.20
C ILE A 190 2.40 -29.92 13.14
N LYS A 191 1.67 -30.66 13.96
CA LYS A 191 0.78 -30.07 14.96
C LYS A 191 1.52 -29.14 15.89
N GLU A 192 2.67 -29.61 16.37
CA GLU A 192 3.59 -28.85 17.22
C GLU A 192 4.01 -27.49 16.60
N VAL A 193 4.44 -27.56 15.35
CA VAL A 193 4.90 -26.37 14.63
C VAL A 193 3.76 -25.37 14.41
N ILE A 194 2.59 -25.89 14.03
CA ILE A 194 1.41 -25.05 13.79
C ILE A 194 0.97 -24.37 15.07
N LYS A 195 0.86 -25.15 16.14
CA LYS A 195 0.40 -24.63 17.42
C LYS A 195 1.36 -23.60 17.98
N ARG A 196 2.66 -23.80 17.79
CA ARG A 196 3.67 -22.88 18.33
C ARG A 196 3.86 -21.59 17.53
N HIS A 197 3.70 -21.65 16.20
CA HIS A 197 4.07 -20.51 15.36
C HIS A 197 2.97 -19.89 14.49
N SER A 198 1.84 -20.58 14.38
CA SER A 198 0.72 -20.12 13.56
C SER A 198 -0.58 -20.08 14.37
N GLU A 199 -0.51 -19.46 15.55
CA GLU A 199 -1.64 -19.46 16.50
C GLU A 199 -2.78 -18.52 16.09
N PHE A 200 -2.48 -17.49 15.31
CA PHE A 200 -3.49 -16.49 14.94
C PHE A 200 -3.85 -16.58 13.46
N VAL A 201 -4.57 -17.62 13.08
CA VAL A 201 -4.98 -17.79 11.68
C VAL A 201 -6.49 -17.81 11.63
N ALA A 202 -7.07 -17.03 10.70
CA ALA A 202 -8.52 -16.82 10.63
C ALA A 202 -9.26 -17.93 9.90
N TYR A 203 -8.51 -18.79 9.22
CA TYR A 203 -9.08 -19.87 8.44
C TYR A 203 -8.79 -21.21 9.09
N PRO A 204 -9.66 -22.21 8.85
CA PRO A 204 -9.34 -23.52 9.45
C PRO A 204 -8.08 -24.13 8.81
N ILE A 205 -7.22 -24.70 9.65
CA ILE A 205 -6.05 -25.45 9.16
C ILE A 205 -6.36 -26.94 9.35
N GLN A 206 -6.47 -27.63 8.23
CA GLN A 206 -6.82 -29.07 8.17
C GLN A 206 -5.56 -29.87 7.99
N LEU A 207 -5.41 -30.95 8.76
CA LEU A 207 -4.26 -31.85 8.62
C LEU A 207 -4.80 -33.18 8.15
N VAL A 208 -4.26 -33.66 7.02
CA VAL A 208 -4.67 -34.94 6.44
C VAL A 208 -3.73 -36.05 6.88
N VAL A 209 -4.31 -37.00 7.60
CA VAL A 209 -3.54 -38.03 8.29
C VAL A 209 -3.90 -39.36 7.61
N THR A 210 -2.89 -40.11 7.15
CA THR A 210 -3.12 -41.43 6.57
C THR A 210 -2.67 -42.50 7.58
N LYS A 211 -3.60 -43.33 8.03
CA LYS A 211 -3.25 -44.39 8.96
C LYS A 211 -3.80 -45.75 8.54
N GLU A 212 -3.03 -46.79 8.83
CA GLU A 212 -3.46 -48.14 8.52
C GLU A 212 -4.56 -48.58 9.50
N VAL A 213 -5.62 -49.14 8.95
CA VAL A 213 -6.69 -49.69 9.76
C VAL A 213 -6.18 -51.01 10.32
N GLU A 214 -6.17 -51.11 11.64
CA GLU A 214 -5.70 -52.35 12.29
C GLU A 214 -6.72 -53.45 12.09
N MET B 1 -9.59 16.99 33.44
CA MET B 1 -8.79 17.43 32.28
C MET B 1 -9.58 18.35 31.32
N ALA B 2 -8.87 19.35 30.79
CA ALA B 2 -9.37 20.24 29.74
C ALA B 2 -9.40 19.53 28.38
N SER B 3 -10.58 19.52 27.77
CA SER B 3 -10.74 18.98 26.42
C SER B 3 -10.20 19.96 25.39
N GLU B 4 -9.72 19.46 24.27
CA GLU B 4 -9.53 20.30 23.09
C GLU B 4 -10.62 19.96 22.09
N THR B 5 -11.15 20.99 21.44
CA THR B 5 -12.23 20.82 20.48
C THR B 5 -11.77 21.04 19.05
N PHE B 6 -12.23 20.18 18.15
CA PHE B 6 -11.83 20.21 16.74
C PHE B 6 -13.07 20.20 15.89
N GLU B 7 -13.03 20.89 14.74
CA GLU B 7 -14.09 20.78 13.75
C GLU B 7 -13.85 19.61 12.84
N PHE B 8 -14.88 18.83 12.57
CA PHE B 8 -14.81 17.80 11.54
C PHE B 8 -14.69 18.48 10.18
N GLN B 9 -13.87 17.91 9.30
CA GLN B 9 -13.89 18.29 7.88
C GLN B 9 -15.32 18.15 7.36
N ALA B 10 -15.75 19.10 6.53
CA ALA B 10 -17.12 19.17 6.01
C ALA B 10 -17.65 17.86 5.45
N GLU B 11 -16.82 17.14 4.71
CA GLU B 11 -17.25 15.91 4.04
C GLU B 11 -17.54 14.81 5.05
N ILE B 12 -16.78 14.81 6.13
CA ILE B 12 -17.01 13.84 7.24
C ILE B 12 -18.34 14.13 7.94
N THR B 13 -18.63 15.41 8.21
CA THR B 13 -19.96 15.77 8.70
C THR B 13 -21.09 15.36 7.75
N GLN B 14 -20.89 15.55 6.44
CA GLN B 14 -21.81 15.11 5.38
C GLN B 14 -22.05 13.60 5.48
N LEU B 15 -20.94 12.88 5.67
CA LEU B 15 -20.97 11.42 5.79
C LEU B 15 -21.77 11.01 7.01
N MET B 16 -21.49 11.64 8.15
CA MET B 16 -22.16 11.25 9.38
C MET B 16 -23.66 11.50 9.28
N SER B 17 -24.03 12.59 8.60
CA SER B 17 -25.44 12.92 8.40
C SER B 17 -26.13 11.97 7.43
N LEU B 18 -25.45 11.58 6.34
CA LEU B 18 -25.95 10.53 5.43
C LEU B 18 -26.26 9.23 6.19
N ILE B 19 -25.32 8.81 7.04
CA ILE B 19 -25.44 7.56 7.79
C ILE B 19 -26.54 7.62 8.86
N ILE B 20 -26.60 8.74 9.56
CA ILE B 20 -27.63 8.97 10.56
C ILE B 20 -29.01 9.07 9.90
N ASN B 21 -29.09 9.69 8.74
CA ASN B 21 -30.39 10.09 8.19
C ASN B 21 -30.96 9.27 7.01
N THR B 22 -30.10 8.77 6.12
CA THR B 22 -30.58 8.03 4.93
C THR B 22 -30.54 6.49 4.95
N VAL B 23 -29.83 5.87 5.91
CA VAL B 23 -29.77 4.40 5.97
C VAL B 23 -30.81 3.83 6.94
N TYR B 24 -31.60 2.88 6.42
CA TYR B 24 -32.80 2.39 7.06
C TYR B 24 -32.73 0.92 7.45
N SER B 25 -31.91 0.13 6.77
CA SER B 25 -31.81 -1.27 7.17
C SER B 25 -30.41 -1.89 7.11
N ASN B 26 -30.35 -3.14 7.57
CA ASN B 26 -29.11 -3.86 7.80
C ASN B 26 -28.16 -3.09 8.73
N LYS B 27 -28.70 -2.43 9.77
CA LYS B 27 -27.86 -1.64 10.69
C LYS B 27 -26.83 -2.49 11.48
N GLU B 28 -27.12 -3.79 11.62
CA GLU B 28 -26.22 -4.72 12.32
C GLU B 28 -24.82 -4.80 11.70
N ILE B 29 -24.68 -4.35 10.45
CA ILE B 29 -23.34 -4.31 9.84
C ILE B 29 -22.31 -3.51 10.63
N PHE B 30 -22.74 -2.56 11.47
CA PHE B 30 -21.79 -1.78 12.29
C PHE B 30 -20.86 -2.74 13.03
N LEU B 31 -21.40 -3.88 13.50
CA LEU B 31 -20.59 -4.79 14.36
C LEU B 31 -19.45 -5.44 13.58
N ARG B 32 -19.73 -5.90 12.36
CA ARG B 32 -18.67 -6.48 11.53
C ARG B 32 -17.60 -5.45 11.25
N GLU B 33 -18.05 -4.23 10.92
CA GLU B 33 -17.10 -3.14 10.66
C GLU B 33 -16.19 -2.88 11.87
N LEU B 34 -16.76 -2.76 13.05
CA LEU B 34 -15.94 -2.48 14.25
C LEU B 34 -15.03 -3.61 14.67
N ILE B 35 -15.49 -4.84 14.47
CA ILE B 35 -14.66 -6.02 14.69
C ILE B 35 -13.52 -6.09 13.68
N SER B 36 -13.82 -5.76 12.41
CA SER B 36 -12.75 -5.72 11.39
CA SER B 36 -12.76 -5.72 11.40
C SER B 36 -11.67 -4.70 11.76
N ASN B 37 -12.10 -3.53 12.24
CA ASN B 37 -11.18 -2.47 12.69
C ASN B 37 -10.32 -2.97 13.84
N ALA B 38 -10.98 -3.63 14.81
CA ALA B 38 -10.29 -4.22 15.96
C ALA B 38 -9.22 -5.23 15.48
N SER B 39 -9.62 -6.14 14.60
CA SER B 39 -8.69 -7.10 13.96
C SER B 39 -7.52 -6.44 13.24
N ASP B 40 -7.75 -5.37 12.49
CA ASP B 40 -6.62 -4.62 11.90
C ASP B 40 -5.65 -4.08 12.96
N ALA B 41 -6.19 -3.49 14.03
CA ALA B 41 -5.33 -2.97 15.12
C ALA B 41 -4.48 -4.08 15.76
N LEU B 42 -5.06 -5.26 15.92
CA LEU B 42 -4.39 -6.42 16.47
C LEU B 42 -3.31 -6.98 15.47
N ASP B 43 -3.61 -6.99 14.17
CA ASP B 43 -2.63 -7.35 13.14
C ASP B 43 -1.39 -6.47 13.28
N LYS B 44 -1.62 -5.17 13.45
CA LYS B 44 -0.54 -4.18 13.47
C LYS B 44 0.38 -4.41 14.67
N ILE B 45 -0.18 -4.64 15.85
CA ILE B 45 0.66 -4.87 17.03
C ILE B 45 1.39 -6.22 16.94
N ARG B 46 0.70 -7.24 16.46
CA ARG B 46 1.32 -8.54 16.25
C ARG B 46 2.49 -8.41 15.27
N TYR B 47 2.28 -7.67 14.19
CA TYR B 47 3.36 -7.48 13.22
C TYR B 47 4.53 -6.68 13.82
N LYS B 48 4.22 -5.60 14.53
CA LYS B 48 5.26 -4.82 15.18
C LYS B 48 6.08 -5.67 16.16
N SER B 49 5.39 -6.60 16.85
CA SER B 49 6.03 -7.44 17.88
C SER B 49 7.05 -8.44 17.29
N LEU B 50 6.92 -8.77 16.01
CA LEU B 50 7.88 -9.67 15.32
C LEU B 50 9.34 -9.23 15.53
N SER B 51 9.59 -7.94 15.36
CA SER B 51 10.92 -7.40 15.49
C SER B 51 11.07 -6.53 16.72
N ASP B 52 9.99 -6.37 17.48
CA ASP B 52 10.04 -5.59 18.72
C ASP B 52 9.11 -6.23 19.74
N PRO B 53 9.48 -7.44 20.24
CA PRO B 53 8.58 -8.21 21.12
C PRO B 53 8.23 -7.49 22.43
N LYS B 54 9.10 -6.60 22.89
CA LYS B 54 8.81 -5.81 24.09
C LYS B 54 7.49 -5.01 23.94
N GLN B 55 7.12 -4.68 22.71
CA GLN B 55 5.83 -3.95 22.48
C GLN B 55 4.58 -4.66 23.06
N LEU B 56 4.63 -5.97 23.18
CA LEU B 56 3.50 -6.73 23.69
C LEU B 56 3.30 -6.69 25.22
N GLU B 57 4.35 -6.30 25.96
CA GLU B 57 4.33 -6.39 27.44
C GLU B 57 3.28 -5.52 28.15
N THR B 58 2.86 -4.43 27.49
CA THR B 58 1.84 -3.55 28.06
C THR B 58 0.47 -4.24 28.13
N GLU B 59 0.33 -5.31 27.36
CA GLU B 59 -0.88 -6.15 27.30
C GLU B 59 -0.57 -7.43 26.47
N PRO B 60 -0.12 -8.49 27.14
CA PRO B 60 0.37 -9.67 26.44
C PRO B 60 -0.69 -10.46 25.67
N ASP B 61 -1.96 -10.33 26.03
CA ASP B 61 -3.00 -11.09 25.35
C ASP B 61 -3.63 -10.29 24.22
N LEU B 62 -3.85 -10.95 23.08
CA LEU B 62 -4.43 -10.34 21.89
C LEU B 62 -5.89 -10.79 21.83
N PHE B 63 -6.81 -9.84 21.99
CA PHE B 63 -8.25 -10.20 22.02
C PHE B 63 -9.13 -9.07 21.51
N ILE B 64 -10.34 -9.46 21.18
CA ILE B 64 -11.44 -8.54 20.92
C ILE B 64 -12.49 -8.84 21.99
N ARG B 65 -13.00 -7.81 22.63
CA ARG B 65 -13.97 -8.04 23.70
C ARG B 65 -15.17 -7.10 23.57
N ILE B 66 -16.35 -7.69 23.70
CA ILE B 66 -17.58 -6.95 23.51
C ILE B 66 -18.34 -6.95 24.84
N THR B 67 -18.64 -5.77 25.35
CA THR B 67 -19.28 -5.60 26.67
C THR B 67 -20.56 -4.75 26.59
N PRO B 68 -21.74 -5.41 26.60
CA PRO B 68 -22.99 -4.65 26.77
C PRO B 68 -23.13 -4.15 28.20
N LYS B 69 -23.58 -2.90 28.34
CA LYS B 69 -23.76 -2.23 29.65
C LYS B 69 -25.19 -1.69 29.65
N PRO B 70 -26.18 -2.59 29.86
CA PRO B 70 -27.60 -2.24 29.71
C PRO B 70 -28.06 -1.00 30.51
N GLU B 71 -27.57 -0.83 31.74
CA GLU B 71 -28.00 0.31 32.57
C GLU B 71 -27.67 1.65 31.90
N GLN B 72 -26.51 1.73 31.24
CA GLN B 72 -26.11 2.97 30.54
C GLN B 72 -26.53 3.01 29.09
N LYS B 73 -27.19 1.95 28.61
CA LYS B 73 -27.50 1.80 27.18
C LYS B 73 -26.24 1.96 26.33
N VAL B 74 -25.18 1.28 26.76
CA VAL B 74 -23.86 1.36 26.14
C VAL B 74 -23.41 -0.01 25.68
N LEU B 75 -22.75 -0.05 24.51
CA LEU B 75 -22.08 -1.26 24.03
C LEU B 75 -20.61 -0.90 23.79
N GLU B 76 -19.72 -1.64 24.45
CA GLU B 76 -18.26 -1.41 24.28
C GLU B 76 -17.63 -2.49 23.43
N ILE B 77 -16.79 -2.06 22.47
CA ILE B 77 -16.03 -2.99 21.62
C ILE B 77 -14.56 -2.60 21.85
N ARG B 78 -13.84 -3.51 22.49
CA ARG B 78 -12.45 -3.31 22.88
C ARG B 78 -11.53 -4.25 22.12
N ASP B 79 -10.31 -3.77 21.84
CA ASP B 79 -9.28 -4.66 21.35
C ASP B 79 -8.01 -4.33 22.10
N SER B 80 -7.06 -5.27 22.10
CA SER B 80 -5.74 -5.02 22.65
C SER B 80 -4.72 -4.82 21.49
N GLY B 81 -5.16 -4.14 20.47
CA GLY B 81 -4.30 -3.86 19.31
C GLY B 81 -3.36 -2.70 19.57
N ILE B 82 -2.86 -2.11 18.48
CA ILE B 82 -1.77 -1.13 18.56
C ILE B 82 -2.14 0.19 19.28
N GLY B 83 -3.42 0.55 19.28
CA GLY B 83 -3.90 1.81 19.87
C GLY B 83 -3.52 3.01 19.00
N MET B 84 -3.90 4.19 19.46
CA MET B 84 -3.73 5.45 18.75
C MET B 84 -3.27 6.52 19.72
N THR B 85 -2.24 7.27 19.31
CA THR B 85 -1.74 8.42 20.08
C THR B 85 -2.74 9.60 19.93
N LYS B 86 -2.56 10.63 20.73
CA LYS B 86 -3.43 11.82 20.62
C LYS B 86 -3.44 12.40 19.18
N ALA B 87 -2.26 12.57 18.59
CA ALA B 87 -2.15 13.07 17.22
C ALA B 87 -2.84 12.15 16.20
N GLU B 88 -2.72 10.83 16.40
CA GLU B 88 -3.38 9.84 15.55
C GLU B 88 -4.90 9.96 15.58
N LEU B 89 -5.48 10.12 16.75
CA LEU B 89 -6.93 10.36 16.87
C LEU B 89 -7.36 11.64 16.14
N ILE B 90 -6.65 12.74 16.40
CA ILE B 90 -6.97 14.03 15.75
C ILE B 90 -6.87 13.91 14.23
N ASN B 91 -5.78 13.34 13.76
CA ASN B 91 -5.57 13.26 12.31
C ASN B 91 -6.48 12.26 11.57
N ASN B 92 -6.92 11.20 12.26
CA ASN B 92 -7.62 10.11 11.57
C ASN B 92 -9.10 10.00 11.87
N LEU B 93 -9.52 10.69 12.92
CA LEU B 93 -10.92 10.66 13.36
C LEU B 93 -11.64 12.01 13.24
N GLY B 94 -11.26 12.78 12.22
CA GLY B 94 -12.15 13.85 11.83
C GLY B 94 -11.60 15.10 11.17
N THR B 95 -10.32 15.42 11.38
CA THR B 95 -9.80 16.70 10.85
C THR B 95 -9.43 16.65 9.35
N ILE B 96 -9.27 15.44 8.83
CA ILE B 96 -8.82 15.21 7.46
C ILE B 96 -9.76 14.22 6.76
N ALA B 97 -10.29 14.60 5.60
CA ALA B 97 -11.18 13.71 4.86
C ALA B 97 -10.40 12.61 4.14
N LYS B 98 -10.47 11.43 4.70
CA LYS B 98 -9.81 10.25 4.19
C LYS B 98 -10.19 9.97 2.73
N SER B 99 -9.24 9.51 1.94
CA SER B 99 -9.57 9.00 0.61
C SER B 99 -10.65 7.93 0.82
N GLY B 100 -11.66 7.97 -0.03
CA GLY B 100 -12.78 7.05 0.09
C GLY B 100 -14.06 7.67 0.67
N THR B 101 -13.93 8.76 1.39
CA THR B 101 -15.06 9.42 2.08
C THR B 101 -16.11 9.91 1.06
N LYS B 102 -15.65 10.73 0.11
CA LYS B 102 -16.49 11.22 -0.99
C LYS B 102 -16.94 10.10 -1.88
N ALA B 103 -16.01 9.22 -2.26
CA ALA B 103 -16.31 8.09 -3.13
C ALA B 103 -17.45 7.27 -2.55
N PHE B 104 -17.36 6.94 -1.26
CA PHE B 104 -18.41 6.17 -0.57
C PHE B 104 -19.78 6.83 -0.58
N MET B 105 -19.82 8.12 -0.27
CA MET B 105 -21.07 8.89 -0.30
C MET B 105 -21.72 8.91 -1.69
N GLU B 106 -20.89 9.04 -2.73
CA GLU B 106 -21.38 8.95 -4.11
C GLU B 106 -21.90 7.54 -4.42
N ALA B 107 -21.19 6.51 -3.93
CA ALA B 107 -21.63 5.12 -4.09
C ALA B 107 -22.96 4.88 -3.39
N LEU B 108 -23.07 5.33 -2.15
CA LEU B 108 -24.28 5.10 -1.34
C LEU B 108 -25.48 5.74 -2.00
N SER B 109 -25.30 6.98 -2.46
CA SER B 109 -26.37 7.73 -3.10
C SER B 109 -26.82 7.05 -4.38
N ALA B 110 -25.89 6.39 -5.06
CA ALA B 110 -26.19 5.73 -6.32
C ALA B 110 -26.84 4.36 -6.12
N GLY B 111 -26.94 3.93 -4.86
CA GLY B 111 -27.59 2.67 -4.49
C GLY B 111 -26.73 1.53 -3.94
N ALA B 112 -25.43 1.76 -3.77
CA ALA B 112 -24.59 0.76 -3.11
C ALA B 112 -25.14 0.37 -1.73
N ASP B 113 -25.06 -0.92 -1.39
CA ASP B 113 -25.26 -1.42 -0.03
C ASP B 113 -24.40 -0.60 0.96
N VAL B 114 -24.98 -0.20 2.08
CA VAL B 114 -24.19 0.38 3.18
C VAL B 114 -23.11 -0.60 3.64
N SER B 115 -23.37 -1.91 3.53
CA SER B 115 -22.36 -2.91 3.87
C SER B 115 -21.06 -2.73 3.11
N MET B 116 -21.08 -1.99 2.00
CA MET B 116 -19.86 -1.77 1.23
C MET B 116 -18.91 -0.75 1.87
N ILE B 117 -19.35 -0.12 2.97
CA ILE B 117 -18.61 1.00 3.59
C ILE B 117 -17.15 0.65 3.89
N GLY B 118 -16.89 -0.58 4.32
CA GLY B 118 -15.54 -1.04 4.67
C GLY B 118 -14.58 -1.04 3.49
N GLN B 119 -15.11 -1.30 2.29
CA GLN B 119 -14.30 -1.25 1.06
C GLN B 119 -13.82 0.15 0.68
N PHE B 120 -14.40 1.17 1.31
CA PHE B 120 -14.02 2.57 1.04
C PHE B 120 -13.17 3.17 2.16
N GLY B 121 -12.89 2.38 3.20
CA GLY B 121 -11.98 2.80 4.28
C GLY B 121 -12.64 3.72 5.30
N VAL B 122 -13.98 3.73 5.31
CA VAL B 122 -14.73 4.64 6.23
C VAL B 122 -15.77 3.96 7.14
N GLY B 123 -15.62 2.65 7.30
CA GLY B 123 -16.56 1.85 8.08
C GLY B 123 -16.67 2.13 9.56
N PHE B 124 -15.69 2.81 10.14
CA PHE B 124 -15.81 3.33 11.53
C PHE B 124 -17.14 4.06 11.68
N TYR B 125 -17.50 4.85 10.66
CA TYR B 125 -18.68 5.73 10.75
C TYR B 125 -19.99 4.97 10.70
N SER B 126 -19.94 3.69 10.36
CA SER B 126 -21.13 2.82 10.43
C SER B 126 -21.70 2.70 11.86
N LEU B 127 -20.89 3.02 12.89
CA LEU B 127 -21.39 3.06 14.28
C LEU B 127 -22.55 4.02 14.45
N PHE B 128 -22.62 5.08 13.62
CA PHE B 128 -23.73 6.02 13.73
C PHE B 128 -25.06 5.44 13.28
N LEU B 129 -25.03 4.23 12.75
CA LEU B 129 -26.27 3.53 12.44
C LEU B 129 -27.06 3.20 13.70
N VAL B 130 -26.33 2.89 14.79
CA VAL B 130 -26.95 2.43 16.03
C VAL B 130 -26.74 3.38 17.22
N ALA B 131 -25.83 4.35 17.07
CA ALA B 131 -25.41 5.17 18.19
C ALA B 131 -25.51 6.65 17.83
N ASP B 132 -25.94 7.46 18.78
CA ASP B 132 -25.99 8.91 18.58
CA ASP B 132 -25.98 8.91 18.57
C ASP B 132 -24.78 9.61 19.24
N ARG B 133 -24.00 8.85 20.00
CA ARG B 133 -22.82 9.40 20.70
C ARG B 133 -21.79 8.27 20.82
N VAL B 134 -20.50 8.62 20.72
CA VAL B 134 -19.42 7.65 20.82
C VAL B 134 -18.18 8.27 21.48
N GLN B 135 -17.57 7.49 22.37
CA GLN B 135 -16.21 7.73 22.83
C GLN B 135 -15.23 6.69 22.25
N VAL B 136 -14.10 7.15 21.75
CA VAL B 136 -13.02 6.23 21.40
C VAL B 136 -11.93 6.47 22.47
N ILE B 137 -11.69 5.46 23.28
CA ILE B 137 -10.68 5.54 24.34
C ILE B 137 -9.50 4.74 23.85
N SER B 138 -8.31 5.35 23.79
CA SER B 138 -7.21 4.63 23.13
C SER B 138 -5.88 4.84 23.85
N LYS B 139 -5.12 3.76 23.91
CA LYS B 139 -3.79 3.74 24.50
C LYS B 139 -2.78 3.08 23.56
N SER B 140 -1.96 3.91 22.95
CA SER B 140 -0.80 3.45 22.19
C SER B 140 0.38 3.35 23.17
N ASN B 141 1.26 2.37 22.93
CA ASN B 141 2.54 2.32 23.70
C ASN B 141 3.29 3.64 23.61
N ASP B 142 3.01 4.40 22.56
CA ASP B 142 3.74 5.66 22.33
C ASP B 142 3.14 6.94 22.97
N ASP B 143 2.04 6.81 23.69
CA ASP B 143 1.42 8.02 24.25
C ASP B 143 0.66 7.66 25.51
N GLU B 144 0.13 8.68 26.17
CA GLU B 144 -0.80 8.48 27.25
C GLU B 144 -2.18 8.04 26.72
N GLN B 145 -3.02 7.61 27.65
CA GLN B 145 -4.42 7.27 27.29
C GLN B 145 -5.29 8.52 27.04
N TYR B 146 -5.97 8.53 25.88
CA TYR B 146 -6.83 9.64 25.42
C TYR B 146 -8.27 9.21 25.06
N ILE B 147 -9.21 10.15 25.21
CA ILE B 147 -10.61 9.96 24.83
C ILE B 147 -10.98 10.91 23.72
N TRP B 148 -11.41 10.36 22.59
CA TRP B 148 -11.98 11.17 21.52
C TRP B 148 -13.48 10.98 21.68
N GLU B 149 -14.25 12.02 21.44
CA GLU B 149 -15.72 11.93 21.65
C GLU B 149 -16.48 12.77 20.62
N SER B 150 -17.51 12.14 20.06
CA SER B 150 -18.40 12.80 19.13
C SER B 150 -19.86 12.50 19.47
N ASN B 151 -20.71 13.51 19.25
CA ASN B 151 -22.14 13.41 19.48
C ASN B 151 -22.92 13.49 18.19
N ALA B 152 -22.26 13.13 17.09
CA ALA B 152 -22.87 13.17 15.77
C ALA B 152 -23.09 14.60 15.28
N GLY B 153 -22.46 15.57 15.95
CA GLY B 153 -22.46 16.98 15.59
C GLY B 153 -21.18 17.32 14.85
N GLY B 154 -21.00 18.60 14.50
CA GLY B 154 -19.88 19.00 13.64
C GLY B 154 -18.53 19.15 14.29
N SER B 155 -18.46 18.89 15.60
CA SER B 155 -17.18 18.98 16.29
C SER B 155 -16.97 17.78 17.17
N PHE B 156 -15.71 17.52 17.48
CA PHE B 156 -15.35 16.48 18.41
C PHE B 156 -14.31 16.98 19.41
N THR B 157 -14.16 16.27 20.51
CA THR B 157 -13.20 16.64 21.53
C THR B 157 -12.18 15.53 21.71
N VAL B 158 -10.97 15.93 22.12
CA VAL B 158 -9.95 14.99 22.55
C VAL B 158 -9.45 15.42 23.93
N THR B 159 -9.44 14.50 24.87
CA THR B 159 -9.14 14.78 26.26
C THR B 159 -8.24 13.68 26.84
N LEU B 160 -7.21 14.10 27.56
CA LEU B 160 -6.32 13.20 28.29
C LEU B 160 -7.21 12.43 29.27
N ASP B 161 -7.03 11.12 29.32
CA ASP B 161 -7.99 10.24 29.99
C ASP B 161 -7.58 10.04 31.46
N GLU B 162 -8.33 10.65 32.37
CA GLU B 162 -8.13 10.44 33.82
C GLU B 162 -9.43 9.90 34.46
N VAL B 163 -10.24 9.21 33.66
CA VAL B 163 -11.60 8.84 34.09
C VAL B 163 -11.99 7.39 33.78
N ASN B 164 -11.33 6.77 32.82
CA ASN B 164 -11.69 5.39 32.48
C ASN B 164 -10.69 4.38 32.99
N GLU B 165 -11.06 3.11 32.98
CA GLU B 165 -10.09 2.02 33.32
C GLU B 165 -8.83 2.14 32.45
N ARG B 166 -7.68 1.86 33.03
CA ARG B 166 -6.47 1.71 32.22
C ARG B 166 -6.65 0.50 31.33
N ILE B 167 -6.45 0.67 30.02
N ILE B 167 -6.52 0.75 30.04
CA ILE B 167 -6.68 -0.46 29.12
CA ILE B 167 -6.32 -0.33 29.12
C ILE B 167 -5.37 -1.20 28.73
C ILE B 167 -4.79 -0.40 29.02
N GLY B 168 -4.24 -0.72 29.24
N GLY B 168 -4.24 -1.61 29.03
CA GLY B 168 -2.97 -1.34 28.98
CA GLY B 168 -2.80 -1.73 28.94
C GLY B 168 -2.45 -0.95 27.62
C GLY B 168 -2.32 -1.20 27.62
N ARG B 169 -3.10 -1.46 26.57
CA ARG B 169 -2.78 -1.06 25.20
C ARG B 169 -4.02 -1.40 24.39
N GLY B 170 -4.37 -0.52 23.47
CA GLY B 170 -5.43 -0.80 22.50
C GLY B 170 -6.51 0.25 22.55
N THR B 171 -7.75 -0.13 22.22
CA THR B 171 -8.78 0.86 22.05
C THR B 171 -10.12 0.31 22.51
N ILE B 172 -10.93 1.15 23.13
CA ILE B 172 -12.36 0.87 23.39
C ILE B 172 -13.23 1.83 22.55
N LEU B 173 -14.15 1.25 21.79
CA LEU B 173 -15.25 1.99 21.17
C LEU B 173 -16.42 1.91 22.11
N ARG B 174 -16.72 3.03 22.74
CA ARG B 174 -17.89 3.09 23.66
C ARG B 174 -19.07 3.74 22.93
N LEU B 175 -20.02 2.88 22.51
CA LEU B 175 -21.21 3.32 21.78
C LEU B 175 -22.36 3.60 22.72
N PHE B 176 -22.91 4.81 22.68
CA PHE B 176 -24.14 5.17 23.42
C PHE B 176 -25.30 4.91 22.46
N LEU B 177 -25.96 3.78 22.64
CA LEU B 177 -26.97 3.32 21.68
C LEU B 177 -28.23 4.16 21.68
N LYS B 178 -28.79 4.34 20.47
CA LYS B 178 -30.10 4.99 20.30
C LYS B 178 -31.17 4.12 20.96
N ASP B 179 -32.20 4.74 21.52
CA ASP B 179 -33.28 3.99 22.20
C ASP B 179 -33.92 2.87 21.36
N ASP B 180 -33.93 3.01 20.05
CA ASP B 180 -34.53 1.96 19.20
C ASP B 180 -33.55 0.88 18.71
N GLN B 181 -32.32 0.91 19.23
CA GLN B 181 -31.28 -0.04 18.82
C GLN B 181 -30.71 -0.81 19.99
N LEU B 182 -31.51 -0.93 21.06
CA LEU B 182 -31.09 -1.60 22.30
C LEU B 182 -31.10 -3.13 22.22
N GLU B 183 -31.65 -3.68 21.13
CA GLU B 183 -31.46 -5.10 20.83
C GLU B 183 -29.97 -5.47 20.85
N TYR B 184 -29.09 -4.50 20.55
CA TYR B 184 -27.65 -4.79 20.50
C TYR B 184 -26.97 -4.92 21.89
N LEU B 185 -27.76 -4.85 22.94
CA LEU B 185 -27.28 -5.15 24.29
C LEU B 185 -27.51 -6.61 24.67
N GLU B 186 -28.30 -7.31 23.85
CA GLU B 186 -28.74 -8.69 24.12
C GLU B 186 -27.70 -9.70 23.71
N GLU B 187 -27.39 -10.60 24.63
CA GLU B 187 -26.43 -11.69 24.39
C GLU B 187 -26.74 -12.47 23.11
N LYS B 188 -28.00 -12.86 22.94
CA LYS B 188 -28.38 -13.76 21.86
C LYS B 188 -28.20 -13.06 20.52
N ARG B 189 -28.58 -11.79 20.47
CA ARG B 189 -28.44 -10.96 19.26
C ARG B 189 -26.98 -10.71 18.84
N ILE B 190 -26.12 -10.34 19.80
CA ILE B 190 -24.69 -10.13 19.51
C ILE B 190 -24.07 -11.42 18.95
N LYS B 191 -24.30 -12.54 19.65
CA LYS B 191 -23.80 -13.85 19.19
C LYS B 191 -24.22 -14.13 17.77
N GLU B 192 -25.51 -13.94 17.48
CA GLU B 192 -26.04 -14.09 16.11
C GLU B 192 -25.31 -13.22 15.07
N VAL B 193 -25.11 -11.96 15.39
CA VAL B 193 -24.53 -11.02 14.43
C VAL B 193 -23.06 -11.37 14.16
N ILE B 194 -22.33 -11.73 15.22
CA ILE B 194 -20.93 -12.14 15.14
C ILE B 194 -20.81 -13.43 14.31
N LYS B 195 -21.63 -14.43 14.66
CA LYS B 195 -21.58 -15.73 14.00
C LYS B 195 -21.89 -15.59 12.52
N ARG B 196 -22.91 -14.81 12.19
CA ARG B 196 -23.33 -14.59 10.79
C ARG B 196 -22.32 -13.80 9.94
N HIS B 197 -21.70 -12.77 10.52
CA HIS B 197 -20.93 -11.83 9.69
C HIS B 197 -19.45 -11.69 10.01
N SER B 198 -19.00 -12.29 11.09
CA SER B 198 -17.60 -12.15 11.51
C SER B 198 -16.95 -13.52 11.75
N GLU B 199 -17.17 -14.45 10.80
CA GLU B 199 -16.74 -15.87 10.93
C GLU B 199 -15.24 -16.09 10.80
N PHE B 200 -14.56 -15.23 10.03
CA PHE B 200 -13.14 -15.42 9.78
C PHE B 200 -12.32 -14.35 10.50
N VAL B 201 -12.18 -14.50 11.81
CA VAL B 201 -11.39 -13.55 12.60
C VAL B 201 -10.34 -14.35 13.33
N ALA B 202 -9.08 -13.89 13.23
CA ALA B 202 -7.94 -14.65 13.71
C ALA B 202 -7.70 -14.53 15.22
N TYR B 203 -8.48 -13.67 15.88
CA TYR B 203 -8.29 -13.38 17.30
C TYR B 203 -9.50 -13.85 18.07
N PRO B 204 -9.33 -14.18 19.35
CA PRO B 204 -10.53 -14.51 20.14
C PRO B 204 -11.50 -13.35 20.29
N ILE B 205 -12.80 -13.63 20.15
CA ILE B 205 -13.83 -12.63 20.41
C ILE B 205 -14.57 -13.03 21.70
N GLN B 206 -14.39 -12.20 22.73
CA GLN B 206 -14.92 -12.46 24.07
C GLN B 206 -16.17 -11.63 24.28
N LEU B 207 -17.22 -12.26 24.78
CA LEU B 207 -18.45 -11.56 25.10
C LEU B 207 -18.60 -11.56 26.61
N VAL B 208 -18.79 -10.37 27.17
CA VAL B 208 -18.95 -10.16 28.61
C VAL B 208 -20.44 -10.08 28.95
N VAL B 209 -20.91 -11.03 29.73
CA VAL B 209 -22.31 -11.29 30.00
C VAL B 209 -22.50 -11.05 31.50
N THR B 210 -23.45 -10.20 31.87
CA THR B 210 -23.70 -9.86 33.26
C THR B 210 -25.02 -10.49 33.62
N LYS B 211 -25.03 -11.40 34.59
CA LYS B 211 -26.27 -12.06 34.93
C LYS B 211 -26.49 -12.09 36.43
N GLU B 212 -27.75 -11.99 36.83
CA GLU B 212 -28.10 -12.07 38.24
C GLU B 212 -27.98 -13.51 38.69
N VAL B 213 -27.36 -13.71 39.85
CA VAL B 213 -27.23 -15.04 40.44
C VAL B 213 -28.55 -15.41 41.08
N GLU B 214 -29.05 -16.60 40.73
CA GLU B 214 -30.25 -17.17 41.36
C GLU B 214 -30.04 -17.36 42.86
N MET C 1 1.79 24.49 -32.59
CA MET C 1 1.46 24.90 -31.18
C MET C 1 2.43 24.40 -30.11
N ALA C 2 2.83 25.32 -29.24
CA ALA C 2 3.65 25.02 -28.07
C ALA C 2 2.85 24.24 -27.01
N SER C 3 3.39 23.10 -26.60
CA SER C 3 2.78 22.29 -25.55
C SER C 3 3.20 22.77 -24.16
N GLU C 4 2.25 22.76 -23.23
CA GLU C 4 2.59 22.94 -21.83
C GLU C 4 2.74 21.56 -21.21
N THR C 5 3.74 21.39 -20.35
CA THR C 5 3.98 20.08 -19.70
C THR C 5 3.73 20.19 -18.22
N PHE C 6 3.11 19.15 -17.66
CA PHE C 6 2.68 19.08 -16.26
C PHE C 6 3.10 17.77 -15.65
N GLU C 7 3.48 17.77 -14.37
CA GLU C 7 3.72 16.51 -13.66
C GLU C 7 2.43 15.91 -13.05
N PHE C 8 2.27 14.59 -13.15
CA PHE C 8 1.14 13.92 -12.47
C PHE C 8 1.32 13.99 -10.98
N GLN C 9 0.22 14.17 -10.25
CA GLN C 9 0.22 13.99 -8.79
C GLN C 9 0.76 12.60 -8.52
N ALA C 10 1.57 12.50 -7.46
CA ALA C 10 2.30 11.27 -7.12
C ALA C 10 1.45 10.00 -7.08
N GLU C 11 0.28 10.08 -6.44
CA GLU C 11 -0.63 8.94 -6.33
C GLU C 11 -1.18 8.51 -7.67
N ILE C 12 -1.47 9.47 -8.55
CA ILE C 12 -1.96 9.12 -9.89
C ILE C 12 -0.87 8.32 -10.64
N THR C 13 0.37 8.78 -10.53
CA THR C 13 1.48 7.98 -11.04
C THR C 13 1.53 6.55 -10.44
N GLN C 14 1.39 6.43 -9.12
CA GLN C 14 1.31 5.11 -8.44
C GLN C 14 0.15 4.27 -8.97
N LEU C 15 -0.98 4.94 -9.23
CA LEU C 15 -2.17 4.27 -9.74
C LEU C 15 -1.89 3.73 -11.12
N MET C 16 -1.30 4.57 -11.97
CA MET C 16 -1.07 4.15 -13.33
C MET C 16 -0.13 2.96 -13.35
N SER C 17 0.94 3.06 -12.56
CA SER C 17 1.88 1.96 -12.40
C SER C 17 1.20 0.65 -11.89
N LEU C 18 0.36 0.76 -10.88
CA LEU C 18 -0.42 -0.38 -10.35
C LEU C 18 -1.28 -1.05 -11.44
N ILE C 19 -2.04 -0.25 -12.18
CA ILE C 19 -2.86 -0.75 -13.28
C ILE C 19 -2.02 -1.35 -14.40
N ILE C 20 -0.95 -0.66 -14.76
CA ILE C 20 -0.06 -1.10 -15.83
C ILE C 20 0.69 -2.40 -15.50
N ASN C 21 1.06 -2.56 -14.23
CA ASN C 21 1.94 -3.67 -13.83
C ASN C 21 1.28 -4.79 -13.01
N THR C 22 0.20 -4.50 -12.30
CA THR C 22 -0.37 -5.47 -11.35
C THR C 22 -1.68 -6.16 -11.84
N VAL C 23 -2.26 -5.66 -12.94
CA VAL C 23 -3.57 -6.14 -13.39
C VAL C 23 -3.40 -6.99 -14.62
N TYR C 24 -3.75 -8.26 -14.49
CA TYR C 24 -3.44 -9.28 -15.47
C TYR C 24 -4.65 -9.67 -16.25
N SER C 25 -5.82 -9.56 -15.62
CA SER C 25 -7.02 -10.13 -16.20
C SER C 25 -8.19 -9.18 -16.38
N ASN C 26 -9.13 -9.64 -17.21
CA ASN C 26 -10.34 -8.91 -17.59
C ASN C 26 -10.03 -7.50 -18.07
N LYS C 27 -9.03 -7.38 -18.95
CA LYS C 27 -8.63 -6.07 -19.49
C LYS C 27 -9.73 -5.36 -20.30
N GLU C 28 -10.69 -6.13 -20.83
CA GLU C 28 -11.79 -5.62 -21.65
C GLU C 28 -12.61 -4.56 -20.88
N ILE C 29 -12.47 -4.56 -19.55
CA ILE C 29 -13.24 -3.62 -18.71
C ILE C 29 -12.99 -2.15 -19.06
N PHE C 30 -11.84 -1.83 -19.64
CA PHE C 30 -11.55 -0.44 -20.08
C PHE C 30 -12.68 0.13 -20.98
N LEU C 31 -13.34 -0.72 -21.78
CA LEU C 31 -14.31 -0.17 -22.75
C LEU C 31 -15.60 0.21 -22.02
N ARG C 32 -16.06 -0.63 -21.10
CA ARG C 32 -17.19 -0.26 -20.25
C ARG C 32 -16.96 1.04 -19.51
N GLU C 33 -15.74 1.24 -19.01
CA GLU C 33 -15.45 2.41 -18.18
C GLU C 33 -15.49 3.65 -19.07
N LEU C 34 -14.88 3.57 -20.26
CA LEU C 34 -14.84 4.74 -21.15
C LEU C 34 -16.23 5.03 -21.75
N ILE C 35 -17.02 4.00 -22.00
CA ILE C 35 -18.40 4.19 -22.44
C ILE C 35 -19.22 4.84 -21.33
N SER C 36 -18.97 4.44 -20.07
CA SER C 36 -19.64 5.05 -18.93
CA SER C 36 -19.67 5.04 -18.95
C SER C 36 -19.33 6.52 -18.79
N ASN C 37 -18.05 6.85 -18.96
CA ASN C 37 -17.55 8.23 -18.95
C ASN C 37 -18.23 9.05 -20.05
N ALA C 38 -18.35 8.47 -21.25
CA ALA C 38 -18.99 9.13 -22.39
C ALA C 38 -20.47 9.40 -22.08
N SER C 39 -21.15 8.39 -21.56
CA SER C 39 -22.55 8.54 -21.14
C SER C 39 -22.70 9.62 -20.05
N ASP C 40 -21.76 9.72 -19.09
CA ASP C 40 -21.83 10.77 -18.07
C ASP C 40 -21.69 12.16 -18.71
N ALA C 41 -20.81 12.27 -19.70
CA ALA C 41 -20.60 13.54 -20.42
C ALA C 41 -21.83 13.96 -21.24
N LEU C 42 -22.53 12.96 -21.80
CA LEU C 42 -23.74 13.20 -22.55
C LEU C 42 -24.90 13.56 -21.60
N ASP C 43 -24.98 12.90 -20.45
CA ASP C 43 -25.97 13.30 -19.42
C ASP C 43 -25.79 14.77 -19.06
N LYS C 44 -24.55 15.20 -18.86
CA LYS C 44 -24.26 16.55 -18.40
C LYS C 44 -24.66 17.62 -19.42
N ILE C 45 -24.38 17.42 -20.71
CA ILE C 45 -24.83 18.38 -21.73
C ILE C 45 -26.36 18.33 -21.95
N ARG C 46 -26.96 17.15 -21.87
CA ARG C 46 -28.41 17.05 -21.98
C ARG C 46 -29.11 17.81 -20.84
N TYR C 47 -28.63 17.60 -19.62
CA TYR C 47 -29.21 18.25 -18.43
C TYR C 47 -28.98 19.78 -18.47
N LYS C 48 -27.77 20.18 -18.84
CA LYS C 48 -27.49 21.60 -19.07
C LYS C 48 -28.46 22.19 -20.10
N SER C 49 -28.72 21.45 -21.19
CA SER C 49 -29.58 21.96 -22.27
C SER C 49 -31.04 22.19 -21.81
N LEU C 50 -31.45 21.59 -20.69
CA LEU C 50 -32.85 21.69 -20.18
C LEU C 50 -33.21 23.15 -19.91
N SER C 51 -32.23 23.93 -19.45
CA SER C 51 -32.42 25.35 -19.19
C SER C 51 -31.56 26.25 -20.10
N ASP C 52 -30.73 25.67 -20.95
CA ASP C 52 -29.87 26.45 -21.85
C ASP C 52 -29.77 25.68 -23.18
N PRO C 53 -30.90 25.64 -23.93
CA PRO C 53 -31.00 24.75 -25.10
C PRO C 53 -30.01 25.12 -26.21
N LYS C 54 -29.53 26.36 -26.24
CA LYS C 54 -28.54 26.77 -27.25
C LYS C 54 -27.18 26.01 -27.14
N GLN C 55 -26.91 25.45 -25.97
CA GLN C 55 -25.71 24.64 -25.72
C GLN C 55 -25.58 23.45 -26.70
N LEU C 56 -26.72 22.97 -27.18
CA LEU C 56 -26.73 21.79 -28.07
C LEU C 56 -26.35 22.13 -29.49
N GLU C 57 -26.39 23.42 -29.84
CA GLU C 57 -26.26 23.85 -31.23
C GLU C 57 -24.91 23.55 -31.90
N THR C 58 -23.86 23.45 -31.08
CA THR C 58 -22.51 23.12 -31.56
C THR C 58 -22.40 21.65 -32.03
N GLU C 59 -23.33 20.81 -31.60
CA GLU C 59 -23.44 19.39 -32.02
C GLU C 59 -24.80 18.87 -31.54
N PRO C 60 -25.85 19.00 -32.37
CA PRO C 60 -27.21 18.67 -31.92
C PRO C 60 -27.44 17.19 -31.67
N ASP C 61 -26.66 16.29 -32.28
CA ASP C 61 -26.88 14.85 -32.06
C ASP C 61 -26.08 14.32 -30.87
N LEU C 62 -26.73 13.48 -30.07
CA LEU C 62 -26.13 12.91 -28.87
C LEU C 62 -25.76 11.45 -29.07
N PHE C 63 -24.45 11.18 -29.12
CA PHE C 63 -23.97 9.84 -29.50
C PHE C 63 -22.65 9.47 -28.85
N ILE C 64 -22.40 8.16 -28.84
CA ILE C 64 -21.09 7.59 -28.53
C ILE C 64 -20.69 6.89 -29.81
N ARG C 65 -19.44 7.09 -30.20
CA ARG C 65 -18.92 6.50 -31.43
C ARG C 65 -17.56 5.83 -31.19
N ILE C 66 -17.39 4.61 -31.69
CA ILE C 66 -16.16 3.83 -31.52
C ILE C 66 -15.57 3.58 -32.90
N THR C 67 -14.31 3.97 -33.08
CA THR C 67 -13.66 3.88 -34.37
C THR C 67 -12.34 3.17 -34.23
N PRO C 68 -12.28 1.88 -34.62
CA PRO C 68 -10.96 1.24 -34.73
C PRO C 68 -10.17 1.81 -35.93
N LYS C 69 -8.89 2.08 -35.74
CA LYS C 69 -8.00 2.58 -36.80
C LYS C 69 -6.79 1.62 -36.91
N PRO C 70 -7.00 0.46 -37.57
CA PRO C 70 -6.02 -0.63 -37.57
C PRO C 70 -4.63 -0.20 -38.02
N GLU C 71 -4.54 0.63 -39.06
CA GLU C 71 -3.20 1.03 -39.55
C GLU C 71 -2.36 1.68 -38.46
N GLN C 72 -2.98 2.54 -37.67
CA GLN C 72 -2.26 3.27 -36.63
C GLN C 72 -2.23 2.50 -35.32
N LYS C 73 -2.86 1.33 -35.29
CA LYS C 73 -3.08 0.57 -34.03
C LYS C 73 -3.75 1.47 -32.98
N VAL C 74 -4.76 2.20 -33.43
CA VAL C 74 -5.51 3.15 -32.58
C VAL C 74 -6.96 2.73 -32.45
N LEU C 75 -7.53 2.94 -31.27
CA LEU C 75 -8.97 2.83 -31.02
C LEU C 75 -9.44 4.15 -30.44
N GLU C 76 -10.43 4.77 -31.07
CA GLU C 76 -11.00 6.05 -30.59
C GLU C 76 -12.37 5.81 -30.02
N ILE C 77 -12.64 6.45 -28.88
CA ILE C 77 -13.97 6.42 -28.28
C ILE C 77 -14.40 7.91 -28.13
N ARG C 78 -15.40 8.30 -28.91
CA ARG C 78 -15.91 9.69 -28.98
C ARG C 78 -17.29 9.80 -28.40
N ASP C 79 -17.56 10.96 -27.81
CA ASP C 79 -18.90 11.32 -27.40
C ASP C 79 -19.09 12.77 -27.82
N SER C 80 -20.34 13.12 -28.06
CA SER C 80 -20.71 14.55 -28.20
C SER C 80 -21.27 15.10 -26.88
N GLY C 81 -20.62 14.74 -25.79
CA GLY C 81 -21.03 15.25 -24.49
C GLY C 81 -20.54 16.68 -24.24
N ILE C 82 -20.49 17.04 -22.98
CA ILE C 82 -20.20 18.40 -22.55
C ILE C 82 -18.78 18.86 -22.89
N GLY C 83 -17.84 17.92 -23.02
CA GLY C 83 -16.45 18.29 -23.30
C GLY C 83 -15.77 18.96 -22.11
N MET C 84 -14.48 19.25 -22.27
CA MET C 84 -13.66 19.81 -21.22
C MET C 84 -12.79 20.96 -21.75
N THR C 85 -12.73 22.06 -21.00
CA THR C 85 -11.85 23.20 -21.28
C THR C 85 -10.40 22.84 -20.94
N LYS C 86 -9.45 23.69 -21.34
CA LYS C 86 -8.02 23.49 -20.98
C LYS C 86 -7.82 23.34 -19.46
N ALA C 87 -8.43 24.23 -18.67
CA ALA C 87 -8.29 24.22 -17.20
C ALA C 87 -8.82 22.91 -16.63
N GLU C 88 -9.96 22.47 -17.17
CA GLU C 88 -10.58 21.18 -16.82
C GLU C 88 -9.68 19.96 -17.05
N LEU C 89 -9.00 19.93 -18.20
CA LEU C 89 -8.14 18.80 -18.54
C LEU C 89 -6.97 18.75 -17.54
N ILE C 90 -6.37 19.91 -17.32
CA ILE C 90 -5.20 20.02 -16.45
C ILE C 90 -5.57 19.61 -15.01
N ASN C 91 -6.69 20.12 -14.54
CA ASN C 91 -7.11 19.91 -13.17
C ASN C 91 -7.67 18.53 -12.87
N ASN C 92 -8.29 17.91 -13.88
CA ASN C 92 -8.95 16.60 -13.70
C ASN C 92 -8.22 15.36 -14.25
N LEU C 93 -7.18 15.57 -15.04
CA LEU C 93 -6.44 14.46 -15.67
C LEU C 93 -4.96 14.48 -15.31
N GLY C 94 -4.66 14.75 -14.03
CA GLY C 94 -3.33 14.45 -13.52
C GLY C 94 -2.76 15.30 -12.40
N THR C 95 -3.01 16.62 -12.41
CA THR C 95 -2.35 17.54 -11.45
C THR C 95 -2.85 17.42 -10.01
N ILE C 96 -4.08 16.97 -9.84
CA ILE C 96 -4.73 16.83 -8.54
C ILE C 96 -5.23 15.40 -8.40
N ALA C 97 -4.78 14.70 -7.35
CA ALA C 97 -5.28 13.34 -7.12
C ALA C 97 -6.70 13.40 -6.60
N LYS C 98 -7.61 12.73 -7.29
CA LYS C 98 -9.01 12.71 -6.93
C LYS C 98 -9.13 11.92 -5.64
N SER C 99 -10.22 12.10 -4.91
CA SER C 99 -10.32 11.63 -3.54
C SER C 99 -10.35 10.11 -3.41
N GLY C 100 -10.88 9.41 -4.42
CA GLY C 100 -10.94 7.95 -4.40
C GLY C 100 -9.71 7.18 -4.87
N THR C 101 -8.66 7.87 -5.24
CA THR C 101 -7.48 7.27 -5.82
C THR C 101 -6.78 6.29 -4.91
N LYS C 102 -6.39 6.78 -3.73
CA LYS C 102 -5.77 5.93 -2.72
C LYS C 102 -6.69 4.80 -2.26
N ALA C 103 -7.96 5.08 -2.02
CA ALA C 103 -8.88 4.03 -1.57
C ALA C 103 -8.95 2.90 -2.60
N PHE C 104 -9.01 3.25 -3.90
CA PHE C 104 -9.04 2.22 -4.93
C PHE C 104 -7.79 1.34 -4.94
N MET C 105 -6.61 1.97 -4.87
CA MET C 105 -5.35 1.23 -4.84
C MET C 105 -5.34 0.28 -3.63
N GLU C 106 -5.82 0.76 -2.48
CA GLU C 106 -5.90 -0.06 -1.26
C GLU C 106 -6.84 -1.25 -1.50
N ALA C 107 -7.99 -0.99 -2.12
CA ALA C 107 -8.96 -2.05 -2.40
C ALA C 107 -8.40 -3.05 -3.43
N LEU C 108 -7.82 -2.54 -4.51
CA LEU C 108 -7.25 -3.41 -5.54
C LEU C 108 -6.21 -4.31 -4.87
N SER C 109 -5.35 -3.69 -4.07
CA SER C 109 -4.33 -4.37 -3.24
C SER C 109 -4.88 -5.53 -2.39
N ALA C 110 -6.04 -5.31 -1.79
CA ALA C 110 -6.65 -6.30 -0.90
C ALA C 110 -7.40 -7.40 -1.65
N GLY C 111 -7.53 -7.28 -2.97
CA GLY C 111 -8.19 -8.30 -3.80
C GLY C 111 -9.43 -7.85 -4.56
N ALA C 112 -9.78 -6.56 -4.54
CA ALA C 112 -10.92 -6.09 -5.31
C ALA C 112 -10.80 -6.36 -6.81
N ASP C 113 -11.91 -6.71 -7.46
CA ASP C 113 -11.94 -6.79 -8.93
C ASP C 113 -11.52 -5.40 -9.45
N VAL C 114 -10.71 -5.37 -10.50
CA VAL C 114 -10.40 -4.10 -11.17
C VAL C 114 -11.68 -3.44 -11.73
N SER C 115 -12.71 -4.26 -11.99
CA SER C 115 -13.99 -3.76 -12.50
C SER C 115 -14.65 -2.81 -11.51
N MET C 116 -14.21 -2.81 -10.26
CA MET C 116 -14.70 -1.87 -9.27
C MET C 116 -14.14 -0.46 -9.43
N ILE C 117 -13.17 -0.27 -10.33
CA ILE C 117 -12.49 1.01 -10.49
C ILE C 117 -13.47 2.22 -10.64
N GLY C 118 -14.58 2.00 -11.36
CA GLY C 118 -15.58 3.05 -11.63
C GLY C 118 -16.37 3.43 -10.40
N GLN C 119 -16.65 2.43 -9.55
CA GLN C 119 -17.30 2.66 -8.23
C GLN C 119 -16.45 3.55 -7.34
N PHE C 120 -15.19 3.76 -7.77
CA PHE C 120 -14.22 4.57 -7.08
C PHE C 120 -13.95 5.90 -7.75
N GLY C 121 -14.42 6.04 -8.98
CA GLY C 121 -14.32 7.29 -9.71
C GLY C 121 -13.00 7.61 -10.38
N VAL C 122 -12.18 6.58 -10.63
CA VAL C 122 -10.85 6.70 -11.29
C VAL C 122 -10.71 5.76 -12.51
N GLY C 123 -11.86 5.36 -13.06
CA GLY C 123 -11.99 4.39 -14.15
C GLY C 123 -11.44 4.83 -15.50
N PHE C 124 -11.26 6.15 -15.72
CA PHE C 124 -10.44 6.64 -16.87
C PHE C 124 -9.12 5.90 -16.99
N TYR C 125 -8.49 5.65 -15.82
CA TYR C 125 -7.13 5.12 -15.83
C TYR C 125 -7.03 3.63 -16.23
N SER C 126 -8.18 2.95 -16.30
CA SER C 126 -8.24 1.56 -16.81
C SER C 126 -7.88 1.47 -18.31
N LEU C 127 -7.83 2.60 -19.02
CA LEU C 127 -7.36 2.61 -20.41
C LEU C 127 -5.91 2.10 -20.47
N PHE C 128 -5.16 2.27 -19.38
CA PHE C 128 -3.76 1.89 -19.40
C PHE C 128 -3.57 0.38 -19.34
N LEU C 129 -4.67 -0.34 -19.13
CA LEU C 129 -4.73 -1.81 -19.32
C LEU C 129 -4.45 -2.25 -20.74
N VAL C 130 -4.89 -1.46 -21.73
CA VAL C 130 -4.73 -1.85 -23.14
C VAL C 130 -3.83 -0.93 -23.98
N ALA C 131 -3.50 0.24 -23.45
CA ALA C 131 -2.77 1.26 -24.21
C ALA C 131 -1.56 1.80 -23.44
N ASP C 132 -0.45 2.02 -24.15
CA ASP C 132 0.73 2.63 -23.52
CA ASP C 132 0.74 2.64 -23.53
C ASP C 132 0.78 4.16 -23.71
N ARG C 133 -0.16 4.71 -24.49
CA ARG C 133 -0.17 6.13 -24.79
C ARG C 133 -1.61 6.52 -25.10
N VAL C 134 -2.00 7.75 -24.77
CA VAL C 134 -3.38 8.23 -24.97
C VAL C 134 -3.38 9.71 -25.25
N GLN C 135 -4.25 10.12 -26.18
CA GLN C 135 -4.61 11.50 -26.31
C GLN C 135 -6.08 11.65 -25.94
N VAL C 136 -6.37 12.66 -25.14
CA VAL C 136 -7.74 13.12 -24.93
C VAL C 136 -7.88 14.46 -25.67
N ILE C 137 -8.73 14.44 -26.69
CA ILE C 137 -9.02 15.61 -27.53
C ILE C 137 -10.43 16.07 -27.14
N SER C 138 -10.53 17.31 -26.71
CA SER C 138 -11.80 17.76 -26.10
C SER C 138 -12.15 19.18 -26.50
N LYS C 139 -13.46 19.38 -26.68
CA LYS C 139 -14.02 20.66 -27.08
C LYS C 139 -15.24 20.89 -26.22
N SER C 140 -15.10 21.83 -25.31
CA SER C 140 -16.21 22.41 -24.58
C SER C 140 -16.70 23.65 -25.30
N ASN C 141 -18.01 23.91 -25.15
CA ASN C 141 -18.65 25.13 -25.66
C ASN C 141 -17.97 26.36 -25.08
N ASP C 142 -17.31 26.19 -23.94
CA ASP C 142 -16.66 27.29 -23.25
C ASP C 142 -15.18 27.53 -23.57
N ASP C 143 -14.58 26.75 -24.48
CA ASP C 143 -13.15 26.92 -24.76
C ASP C 143 -12.82 26.50 -26.19
N GLU C 144 -11.57 26.74 -26.61
CA GLU C 144 -11.05 26.16 -27.86
C GLU C 144 -10.86 24.62 -27.71
N GLN C 145 -10.58 23.93 -28.83
CA GLN C 145 -10.27 22.48 -28.78
C GLN C 145 -8.82 22.26 -28.26
N TYR C 146 -8.63 21.38 -27.26
CA TYR C 146 -7.31 21.07 -26.65
C TYR C 146 -7.01 19.59 -26.72
N ILE C 147 -5.70 19.25 -26.69
CA ILE C 147 -5.23 17.88 -26.66
C ILE C 147 -4.44 17.64 -25.37
N TRP C 148 -4.91 16.71 -24.56
CA TRP C 148 -4.13 16.23 -23.44
C TRP C 148 -3.47 14.90 -23.90
N GLU C 149 -2.19 14.69 -23.55
CA GLU C 149 -1.47 13.45 -23.92
C GLU C 149 -0.57 12.92 -22.81
N SER C 150 -0.61 11.59 -22.64
CA SER C 150 0.16 10.84 -21.65
C SER C 150 0.77 9.61 -22.33
N ASN C 151 2.03 9.33 -22.03
CA ASN C 151 2.68 8.12 -22.52
C ASN C 151 2.95 7.17 -21.37
N ALA C 152 2.12 7.25 -20.34
CA ALA C 152 2.19 6.36 -19.19
C ALA C 152 3.30 6.75 -18.21
N GLY C 153 4.16 7.68 -18.62
CA GLY C 153 5.25 8.20 -17.78
C GLY C 153 4.74 9.15 -16.71
N GLY C 154 5.67 9.93 -16.15
CA GLY C 154 5.36 10.81 -15.03
C GLY C 154 4.81 12.19 -15.35
N SER C 155 4.79 12.58 -16.62
CA SER C 155 4.20 13.87 -16.98
C SER C 155 3.21 13.78 -18.15
N PHE C 156 2.43 14.85 -18.33
CA PHE C 156 1.50 14.97 -19.48
C PHE C 156 1.59 16.36 -20.12
N THR C 157 1.15 16.46 -21.37
CA THR C 157 1.16 17.73 -22.08
C THR C 157 -0.25 18.15 -22.41
N VAL C 158 -0.45 19.45 -22.57
CA VAL C 158 -1.72 19.98 -22.98
C VAL C 158 -1.41 21.03 -24.05
N THR C 159 -2.05 20.84 -25.19
CA THR C 159 -1.77 21.62 -26.39
C THR C 159 -3.08 22.10 -27.08
N LEU C 160 -3.14 23.38 -27.43
CA LEU C 160 -4.17 23.90 -28.33
C LEU C 160 -4.19 23.06 -29.63
N ASP C 161 -5.39 22.64 -30.04
CA ASP C 161 -5.46 21.62 -31.08
C ASP C 161 -5.59 22.36 -32.41
N GLU C 162 -4.52 22.29 -33.19
CA GLU C 162 -4.53 22.72 -34.57
C GLU C 162 -4.27 21.58 -35.55
N VAL C 163 -4.52 20.35 -35.11
CA VAL C 163 -4.13 19.18 -35.92
C VAL C 163 -5.20 18.09 -36.09
N ASN C 164 -6.26 18.09 -35.28
CA ASN C 164 -7.25 17.00 -35.38
C ASN C 164 -8.51 17.54 -35.99
N GLU C 165 -9.38 16.67 -36.47
CA GLU C 165 -10.72 17.13 -36.91
C GLU C 165 -11.41 17.97 -35.81
N ARG C 166 -12.24 18.93 -36.22
CA ARG C 166 -13.11 19.67 -35.28
C ARG C 166 -14.19 18.72 -34.81
N ILE C 167 -14.34 18.57 -33.50
N ILE C 167 -14.28 18.55 -33.50
CA ILE C 167 -15.33 17.60 -33.03
CA ILE C 167 -15.48 17.96 -32.98
C ILE C 167 -16.69 18.28 -32.74
C ILE C 167 -16.37 19.16 -32.67
N GLY C 168 -16.75 19.61 -32.96
N GLY C 168 -17.63 19.08 -33.07
CA GLY C 168 -17.98 20.33 -32.67
CA GLY C 168 -18.55 20.17 -32.74
C GLY C 168 -18.18 20.52 -31.17
C GLY C 168 -18.48 20.49 -31.25
N ARG C 169 -18.48 19.44 -30.44
CA ARG C 169 -18.48 19.52 -28.96
C ARG C 169 -18.28 18.09 -28.47
N GLY C 170 -17.58 17.90 -27.33
CA GLY C 170 -17.43 16.56 -26.75
C GLY C 170 -15.96 16.18 -26.63
N THR C 171 -15.69 14.87 -26.63
CA THR C 171 -14.33 14.36 -26.34
C THR C 171 -14.03 13.13 -27.18
N ILE C 172 -12.76 13.01 -27.59
CA ILE C 172 -12.28 11.75 -28.21
C ILE C 172 -11.21 11.22 -27.30
N LEU C 173 -11.37 9.97 -26.88
CA LEU C 173 -10.26 9.24 -26.30
C LEU C 173 -9.54 8.44 -27.39
N ARG C 174 -8.32 8.83 -27.69
CA ARG C 174 -7.52 8.16 -28.72
C ARG C 174 -6.49 7.29 -28.02
N LEU C 175 -6.78 5.98 -28.02
CA LEU C 175 -5.95 4.96 -27.41
C LEU C 175 -4.97 4.38 -28.43
N PHE C 176 -3.67 4.47 -28.11
CA PHE C 176 -2.62 3.86 -28.91
C PHE C 176 -2.40 2.52 -28.26
N LEU C 177 -3.03 1.51 -28.84
CA LEU C 177 -3.07 0.17 -28.26
C LEU C 177 -1.68 -0.51 -28.20
N LYS C 178 -1.47 -1.29 -27.16
CA LYS C 178 -0.31 -2.18 -27.04
C LYS C 178 -0.41 -3.29 -28.10
N ASP C 179 0.76 -3.76 -28.55
CA ASP C 179 0.88 -4.82 -29.56
C ASP C 179 0.17 -6.13 -29.17
N ASP C 180 0.02 -6.39 -27.88
CA ASP C 180 -0.69 -7.59 -27.46
C ASP C 180 -2.20 -7.42 -27.19
N GLN C 181 -2.71 -6.20 -27.44
CA GLN C 181 -4.14 -5.86 -27.26
C GLN C 181 -4.83 -5.39 -28.55
N LEU C 182 -4.39 -5.89 -29.71
CA LEU C 182 -4.93 -5.42 -30.99
C LEU C 182 -6.27 -6.07 -31.37
N GLU C 183 -6.72 -7.04 -30.56
CA GLU C 183 -8.06 -7.64 -30.68
C GLU C 183 -9.16 -6.57 -30.54
N TYR C 184 -8.84 -5.47 -29.87
CA TYR C 184 -9.81 -4.39 -29.65
C TYR C 184 -9.98 -3.48 -30.89
N LEU C 185 -9.30 -3.84 -31.97
CA LEU C 185 -9.49 -3.22 -33.28
C LEU C 185 -10.50 -3.99 -34.12
N GLU C 186 -10.88 -5.19 -33.65
CA GLU C 186 -11.75 -6.12 -34.41
C GLU C 186 -13.25 -5.84 -34.19
N GLU C 187 -14.01 -5.76 -35.27
CA GLU C 187 -15.44 -5.46 -35.15
C GLU C 187 -16.16 -6.44 -34.21
N LYS C 188 -15.95 -7.73 -34.42
CA LYS C 188 -16.64 -8.75 -33.65
C LYS C 188 -16.36 -8.65 -32.15
N ARG C 189 -15.10 -8.48 -31.79
CA ARG C 189 -14.69 -8.33 -30.41
C ARG C 189 -15.30 -7.07 -29.75
N ILE C 190 -15.24 -5.95 -30.46
CA ILE C 190 -15.75 -4.69 -29.89
C ILE C 190 -17.24 -4.82 -29.65
N LYS C 191 -17.97 -5.29 -30.66
CA LYS C 191 -19.40 -5.61 -30.53
C LYS C 191 -19.73 -6.51 -29.35
N GLU C 192 -18.94 -7.56 -29.14
CA GLU C 192 -19.29 -8.48 -28.05
C GLU C 192 -19.08 -7.88 -26.66
N VAL C 193 -18.00 -7.09 -26.50
CA VAL C 193 -17.74 -6.34 -25.27
C VAL C 193 -18.85 -5.30 -25.00
N ILE C 194 -19.26 -4.56 -26.03
CA ILE C 194 -20.33 -3.57 -25.83
C ILE C 194 -21.60 -4.26 -25.37
N LYS C 195 -22.05 -5.27 -26.13
CA LYS C 195 -23.31 -5.96 -25.85
C LYS C 195 -23.36 -6.58 -24.45
N ARG C 196 -22.21 -7.05 -23.95
CA ARG C 196 -22.12 -7.76 -22.67
C ARG C 196 -22.06 -6.88 -21.42
N HIS C 197 -21.42 -5.72 -21.54
CA HIS C 197 -21.17 -4.91 -20.34
C HIS C 197 -21.78 -3.51 -20.37
N SER C 198 -22.32 -3.09 -21.52
CA SER C 198 -22.92 -1.76 -21.65
C SER C 198 -24.35 -1.80 -22.25
N GLU C 199 -25.22 -2.61 -21.63
CA GLU C 199 -26.62 -2.87 -22.10
C GLU C 199 -27.64 -1.75 -21.80
N PHE C 200 -27.43 -1.05 -20.68
CA PHE C 200 -28.33 0.03 -20.30
C PHE C 200 -27.72 1.40 -20.57
N VAL C 201 -27.25 1.61 -21.79
CA VAL C 201 -26.75 2.93 -22.14
C VAL C 201 -27.88 3.61 -22.86
N ALA C 202 -28.26 4.82 -22.43
CA ALA C 202 -29.37 5.56 -23.06
C ALA C 202 -29.09 6.16 -24.44
N TYR C 203 -27.81 6.25 -24.84
CA TYR C 203 -27.42 6.91 -26.08
C TYR C 203 -27.04 5.90 -27.12
N PRO C 204 -27.19 6.27 -28.41
CA PRO C 204 -26.76 5.36 -29.45
C PRO C 204 -25.25 5.16 -29.35
N ILE C 205 -24.80 3.92 -29.52
CA ILE C 205 -23.38 3.61 -29.61
C ILE C 205 -23.09 3.17 -31.05
N GLN C 206 -22.40 4.03 -31.78
CA GLN C 206 -22.05 3.75 -33.18
C GLN C 206 -20.68 3.12 -33.24
N LEU C 207 -20.56 2.10 -34.10
CA LEU C 207 -19.30 1.50 -34.45
C LEU C 207 -18.99 1.81 -35.92
N VAL C 208 -17.80 2.34 -36.15
CA VAL C 208 -17.32 2.70 -37.48
C VAL C 208 -16.43 1.59 -38.00
N VAL C 209 -16.85 0.97 -39.09
CA VAL C 209 -16.05 -0.12 -39.62
C VAL C 209 -15.64 0.18 -41.05
N THR C 210 -14.37 -0.09 -41.33
CA THR C 210 -13.77 0.20 -42.61
C THR C 210 -13.58 -1.13 -43.33
N LYS C 211 -14.32 -1.34 -44.42
CA LYS C 211 -14.17 -2.56 -45.23
C LYS C 211 -13.79 -2.28 -46.67
N GLU C 212 -13.04 -3.20 -47.30
CA GLU C 212 -12.68 -3.07 -48.71
C GLU C 212 -13.88 -3.48 -49.56
N VAL C 213 -14.20 -2.65 -50.55
CA VAL C 213 -15.20 -2.97 -51.53
C VAL C 213 -14.59 -3.98 -52.51
N GLU C 214 -15.24 -5.12 -52.68
CA GLU C 214 -14.71 -6.12 -53.61
C GLU C 214 -15.59 -6.27 -54.86
N MET D 1 26.72 29.67 -9.94
CA MET D 1 26.57 28.22 -10.32
C MET D 1 25.13 27.79 -10.55
N ALA D 2 24.87 27.29 -11.76
CA ALA D 2 23.55 26.81 -12.15
C ALA D 2 23.28 25.40 -11.61
N SER D 3 22.09 25.24 -11.01
CA SER D 3 21.64 23.96 -10.50
C SER D 3 21.09 23.10 -11.62
N GLU D 4 21.27 21.79 -11.51
CA GLU D 4 20.54 20.85 -12.34
C GLU D 4 19.39 20.34 -11.49
N THR D 5 18.21 20.18 -12.09
CA THR D 5 17.03 19.65 -11.36
C THR D 5 16.63 18.29 -11.88
N PHE D 6 16.31 17.39 -10.94
CA PHE D 6 15.95 15.98 -11.23
C PHE D 6 14.66 15.64 -10.51
N GLU D 7 13.83 14.78 -11.11
CA GLU D 7 12.63 14.28 -10.43
C GLU D 7 12.94 13.07 -9.54
N PHE D 8 12.32 13.00 -8.36
CA PHE D 8 12.45 11.78 -7.55
C PHE D 8 11.73 10.64 -8.25
N GLN D 9 12.30 9.43 -8.19
CA GLN D 9 11.55 8.21 -8.55
C GLN D 9 10.29 8.17 -7.71
N ALA D 10 9.20 7.73 -8.34
CA ALA D 10 7.87 7.72 -7.73
C ALA D 10 7.79 7.09 -6.35
N GLU D 11 8.42 5.92 -6.14
CA GLU D 11 8.35 5.27 -4.81
C GLU D 11 9.11 6.04 -3.76
N ILE D 12 10.12 6.83 -4.18
CA ILE D 12 10.88 7.61 -3.18
C ILE D 12 9.98 8.74 -2.71
N THR D 13 9.31 9.37 -3.66
CA THR D 13 8.29 10.37 -3.32
C THR D 13 7.20 9.81 -2.39
N GLN D 14 6.68 8.61 -2.70
CA GLN D 14 5.70 7.91 -1.85
C GLN D 14 6.30 7.69 -0.46
N LEU D 15 7.57 7.27 -0.44
CA LEU D 15 8.26 7.01 0.82
C LEU D 15 8.34 8.27 1.64
N MET D 16 8.80 9.36 1.03
CA MET D 16 8.91 10.61 1.75
C MET D 16 7.55 11.01 2.32
N SER D 17 6.50 10.92 1.51
CA SER D 17 5.14 11.19 2.04
C SER D 17 4.76 10.34 3.26
N LEU D 18 4.95 9.02 3.18
CA LEU D 18 4.65 8.14 4.31
C LEU D 18 5.33 8.61 5.60
N ILE D 19 6.60 8.99 5.49
CA ILE D 19 7.42 9.44 6.61
C ILE D 19 7.07 10.85 7.11
N ILE D 20 6.92 11.80 6.19
CA ILE D 20 6.74 13.20 6.62
C ILE D 20 5.27 13.49 6.98
N ASN D 21 4.45 12.45 6.83
CA ASN D 21 3.10 12.44 7.36
C ASN D 21 3.03 11.33 8.43
N THR D 22 2.58 10.14 8.05
CA THR D 22 2.11 9.07 8.96
C THR D 22 2.98 8.53 10.12
N VAL D 23 4.25 8.96 10.22
CA VAL D 23 5.08 8.55 11.35
C VAL D 23 4.97 9.61 12.42
N TYR D 24 4.53 9.19 13.61
CA TYR D 24 4.14 10.11 14.65
C TYR D 24 5.12 10.16 15.80
N SER D 25 5.74 9.03 16.14
CA SER D 25 6.54 8.97 17.37
C SER D 25 7.96 8.41 17.19
N ASN D 26 8.78 8.59 18.22
CA ASN D 26 10.19 8.20 18.21
C ASN D 26 10.92 8.80 17.01
N LYS D 27 10.67 10.09 16.77
CA LYS D 27 11.33 10.80 15.66
C LYS D 27 12.86 10.92 15.83
N GLU D 28 13.33 10.77 17.08
CA GLU D 28 14.76 10.82 17.43
C GLU D 28 15.59 9.77 16.70
N ILE D 29 14.91 8.71 16.23
CA ILE D 29 15.62 7.68 15.46
C ILE D 29 16.37 8.25 14.24
N PHE D 30 15.98 9.43 13.75
CA PHE D 30 16.70 10.01 12.58
C PHE D 30 18.22 10.16 12.87
N LEU D 31 18.59 10.38 14.13
CA LEU D 31 20.00 10.72 14.44
C LEU D 31 20.84 9.45 14.44
N ARG D 32 20.29 8.40 15.04
CA ARG D 32 20.86 7.06 14.89
C ARG D 32 21.12 6.66 13.43
N GLU D 33 20.12 6.86 12.58
CA GLU D 33 20.25 6.48 11.15
C GLU D 33 21.40 7.26 10.48
N LEU D 34 21.46 8.56 10.75
CA LEU D 34 22.46 9.42 10.08
C LEU D 34 23.87 9.17 10.61
N ILE D 35 23.96 8.85 11.89
CA ILE D 35 25.25 8.47 12.50
C ILE D 35 25.71 7.12 11.91
N SER D 36 24.77 6.19 11.71
CA SER D 36 25.11 4.90 11.12
CA SER D 36 25.12 4.90 11.12
C SER D 36 25.62 5.04 9.69
N ASN D 37 24.93 5.91 8.91
CA ASN D 37 25.34 6.26 7.58
C ASN D 37 26.74 6.85 7.59
N ALA D 38 26.99 7.77 8.54
CA ALA D 38 28.31 8.38 8.70
C ALA D 38 29.34 7.30 9.00
N SER D 39 29.01 6.38 9.92
CA SER D 39 29.93 5.28 10.25
C SER D 39 30.22 4.38 9.04
N ASP D 40 29.21 4.09 8.21
CA ASP D 40 29.43 3.32 6.97
C ASP D 40 30.39 4.04 6.02
N ALA D 41 30.25 5.37 5.93
CA ALA D 41 31.09 6.15 5.02
C ALA D 41 32.55 6.16 5.50
N LEU D 42 32.74 6.24 6.81
CA LEU D 42 34.08 6.13 7.44
C LEU D 42 34.69 4.72 7.27
N ASP D 43 33.89 3.67 7.51
CA ASP D 43 34.30 2.28 7.17
C ASP D 43 34.88 2.18 5.78
N LYS D 44 34.19 2.76 4.80
CA LYS D 44 34.56 2.61 3.41
C LYS D 44 35.86 3.30 3.05
N ILE D 45 36.09 4.51 3.54
CA ILE D 45 37.38 5.15 3.31
C ILE D 45 38.52 4.49 4.10
N ARG D 46 38.26 4.06 5.33
CA ARG D 46 39.29 3.34 6.08
C ARG D 46 39.67 2.03 5.34
N TYR D 47 38.66 1.28 4.89
CA TYR D 47 38.94 0.02 4.16
C TYR D 47 39.65 0.32 2.84
N LYS D 48 39.20 1.33 2.10
CA LYS D 48 39.90 1.73 0.86
C LYS D 48 41.37 2.04 1.15
N SER D 49 41.62 2.77 2.24
CA SER D 49 42.97 3.17 2.63
C SER D 49 43.90 1.96 2.97
N LEU D 50 43.34 0.77 3.20
CA LEU D 50 44.15 -0.41 3.55
C LEU D 50 45.10 -0.69 2.38
N SER D 51 44.59 -0.50 1.16
CA SER D 51 45.34 -0.76 -0.04
C SER D 51 45.76 0.52 -0.78
N ASP D 52 45.26 1.68 -0.34
CA ASP D 52 45.54 2.94 -1.05
C ASP D 52 45.59 4.04 0.00
N PRO D 53 46.66 4.07 0.83
CA PRO D 53 46.80 4.95 2.00
C PRO D 53 46.75 6.43 1.66
N LYS D 54 47.12 6.80 0.44
CA LYS D 54 47.07 8.19 -0.01
C LYS D 54 45.65 8.81 0.01
N GLN D 55 44.63 7.96 -0.08
CA GLN D 55 43.22 8.38 -0.04
C GLN D 55 42.86 9.18 1.23
N LEU D 56 43.62 8.93 2.30
CA LEU D 56 43.38 9.57 3.60
C LEU D 56 43.90 10.99 3.69
N GLU D 57 44.87 11.34 2.84
CA GLU D 57 45.60 12.61 2.91
C GLU D 57 44.74 13.88 2.76
N THR D 58 43.57 13.74 2.14
CA THR D 58 42.64 14.85 1.95
C THR D 58 41.91 15.21 3.26
N GLU D 59 41.91 14.27 4.19
CA GLU D 59 41.41 14.50 5.54
C GLU D 59 41.87 13.32 6.41
N PRO D 60 43.04 13.48 7.05
CA PRO D 60 43.65 12.39 7.80
C PRO D 60 42.81 11.90 8.99
N ASP D 61 42.02 12.75 9.64
CA ASP D 61 41.27 12.30 10.81
C ASP D 61 39.88 11.75 10.47
N LEU D 62 39.51 10.67 11.14
CA LEU D 62 38.25 10.00 10.92
C LEU D 62 37.29 10.32 12.06
N PHE D 63 36.23 11.09 11.75
CA PHE D 63 35.32 11.55 12.82
C PHE D 63 33.90 11.72 12.34
N ILE D 64 33.00 11.82 13.29
CA ILE D 64 31.61 12.22 13.06
C ILE D 64 31.44 13.46 13.92
N ARG D 65 30.86 14.50 13.37
CA ARG D 65 30.74 15.78 14.11
C ARG D 65 29.32 16.32 13.94
N ILE D 66 28.72 16.70 15.06
CA ILE D 66 27.34 17.18 15.06
C ILE D 66 27.36 18.64 15.51
N THR D 67 26.84 19.51 14.65
CA THR D 67 26.90 20.95 14.92
C THR D 67 25.49 21.51 14.87
N PRO D 68 24.92 21.77 16.04
CA PRO D 68 23.69 22.58 16.04
C PRO D 68 23.99 24.04 15.69
N LYS D 69 23.14 24.63 14.85
CA LYS D 69 23.25 26.03 14.46
C LYS D 69 21.92 26.73 14.76
N PRO D 70 21.68 27.08 16.05
CA PRO D 70 20.38 27.60 16.55
C PRO D 70 19.82 28.77 15.75
N GLU D 71 20.66 29.74 15.40
CA GLU D 71 20.24 30.94 14.65
CA GLU D 71 20.16 30.91 14.67
C GLU D 71 19.51 30.54 13.35
N GLN D 72 20.05 29.54 12.65
CA GLN D 72 19.49 29.14 11.37
C GLN D 72 18.47 28.02 11.51
N LYS D 73 18.24 27.55 12.73
CA LYS D 73 17.44 26.34 12.98
C LYS D 73 17.95 25.14 12.15
N VAL D 74 19.27 24.99 12.13
CA VAL D 74 19.96 23.97 11.34
C VAL D 74 20.70 23.03 12.31
N LEU D 75 20.60 21.74 12.04
CA LEU D 75 21.46 20.71 12.59
C LEU D 75 22.31 20.09 11.48
N GLU D 76 23.64 20.12 11.63
CA GLU D 76 24.54 19.47 10.66
C GLU D 76 25.14 18.20 11.24
N ILE D 77 25.19 17.16 10.41
CA ILE D 77 25.84 15.90 10.80
C ILE D 77 26.89 15.63 9.72
N ARG D 78 28.15 15.72 10.14
CA ARG D 78 29.32 15.61 9.26
C ARG D 78 30.11 14.37 9.54
N ASP D 79 30.72 13.84 8.48
CA ASP D 79 31.71 12.80 8.61
C ASP D 79 32.84 13.10 7.65
N SER D 80 34.02 12.58 7.99
CA SER D 80 35.15 12.59 7.04
C SER D 80 35.27 11.22 6.35
N GLY D 81 34.13 10.66 5.99
CA GLY D 81 34.06 9.40 5.24
C GLY D 81 34.41 9.56 3.77
N ILE D 82 34.05 8.57 2.98
CA ILE D 82 34.48 8.46 1.60
C ILE D 82 33.87 9.56 0.72
N GLY D 83 32.71 10.11 1.12
CA GLY D 83 32.04 11.11 0.29
C GLY D 83 31.45 10.55 -0.99
N MET D 84 30.82 11.44 -1.75
CA MET D 84 30.03 11.08 -2.92
C MET D 84 30.27 12.05 -4.06
N THR D 85 30.49 11.52 -5.26
CA THR D 85 30.63 12.31 -6.47
C THR D 85 29.27 12.84 -6.94
N LYS D 86 29.29 13.79 -7.89
CA LYS D 86 28.01 14.29 -8.43
C LYS D 86 27.11 13.14 -8.95
N ALA D 87 27.71 12.23 -9.73
CA ALA D 87 27.00 11.07 -10.29
C ALA D 87 26.42 10.19 -9.17
N GLU D 88 27.21 9.96 -8.12
CA GLU D 88 26.75 9.18 -6.96
C GLU D 88 25.56 9.82 -6.23
N LEU D 89 25.56 11.16 -6.10
CA LEU D 89 24.43 11.86 -5.46
C LEU D 89 23.15 11.73 -6.29
N ILE D 90 23.28 11.95 -7.59
CA ILE D 90 22.12 11.87 -8.48
C ILE D 90 21.51 10.43 -8.47
N ASN D 91 22.38 9.43 -8.58
CA ASN D 91 21.98 8.01 -8.64
C ASN D 91 21.39 7.43 -7.36
N ASN D 92 21.92 7.87 -6.23
CA ASN D 92 21.65 7.25 -4.93
C ASN D 92 20.70 8.04 -4.01
N LEU D 93 20.41 9.29 -4.37
CA LEU D 93 19.55 10.18 -3.56
C LEU D 93 18.34 10.70 -4.34
N GLY D 94 17.75 9.81 -5.17
CA GLY D 94 16.45 10.12 -5.70
C GLY D 94 16.07 9.56 -7.06
N THR D 95 17.01 9.43 -8.00
CA THR D 95 16.60 9.08 -9.38
C THR D 95 16.28 7.60 -9.55
N ILE D 96 16.71 6.77 -8.62
CA ILE D 96 16.46 5.33 -8.70
C ILE D 96 15.91 4.85 -7.37
N ALA D 97 14.76 4.14 -7.39
CA ALA D 97 14.24 3.61 -6.12
C ALA D 97 15.04 2.39 -5.77
N LYS D 98 15.71 2.45 -4.62
CA LYS D 98 16.61 1.41 -4.19
C LYS D 98 15.79 0.16 -3.84
N SER D 99 16.47 -0.97 -3.70
CA SER D 99 15.87 -2.30 -3.55
C SER D 99 14.71 -2.36 -2.58
N GLY D 100 14.93 -1.88 -1.35
CA GLY D 100 13.99 -2.08 -0.25
C GLY D 100 12.96 -0.97 -0.02
N THR D 101 12.89 0.00 -0.94
CA THR D 101 11.94 1.09 -0.81
C THR D 101 10.50 0.61 -0.61
N LYS D 102 10.00 -0.20 -1.53
CA LYS D 102 8.65 -0.68 -1.47
C LYS D 102 8.46 -1.61 -0.26
N ALA D 103 9.45 -2.46 0.02
CA ALA D 103 9.34 -3.47 1.08
C ALA D 103 9.21 -2.76 2.43
N PHE D 104 9.99 -1.69 2.64
CA PHE D 104 9.86 -0.90 3.87
C PHE D 104 8.49 -0.26 4.04
N MET D 105 7.96 0.32 2.95
CA MET D 105 6.67 0.98 3.02
C MET D 105 5.60 -0.05 3.38
N GLU D 106 5.67 -1.23 2.76
CA GLU D 106 4.75 -2.31 3.06
C GLU D 106 4.87 -2.75 4.53
N ALA D 107 6.10 -2.89 5.01
CA ALA D 107 6.34 -3.21 6.43
C ALA D 107 5.82 -2.11 7.37
N LEU D 108 6.17 -0.86 7.08
CA LEU D 108 5.69 0.23 7.91
C LEU D 108 4.16 0.21 7.93
N SER D 109 3.53 0.05 6.76
CA SER D 109 2.08 -0.03 6.68
C SER D 109 1.45 -1.18 7.50
N ALA D 110 2.18 -2.28 7.65
CA ALA D 110 1.68 -3.44 8.42
C ALA D 110 1.90 -3.29 9.94
N GLY D 111 2.63 -2.25 10.35
CA GLY D 111 2.89 -1.97 11.77
C GLY D 111 4.35 -2.03 12.24
N ALA D 112 5.30 -2.22 11.33
CA ALA D 112 6.71 -2.18 11.67
C ALA D 112 7.15 -0.89 12.35
N ASP D 113 8.03 -0.99 13.34
CA ASP D 113 8.64 0.21 13.94
C ASP D 113 9.34 0.95 12.80
N VAL D 114 9.21 2.27 12.79
CA VAL D 114 10.02 3.08 11.88
C VAL D 114 11.54 2.87 12.10
N SER D 115 11.93 2.47 13.31
CA SER D 115 13.34 2.20 13.61
C SER D 115 13.89 1.06 12.76
N MET D 116 13.00 0.29 12.13
CA MET D 116 13.41 -0.77 11.20
C MET D 116 13.85 -0.22 9.82
N ILE D 117 13.79 1.11 9.63
CA ILE D 117 14.06 1.70 8.33
C ILE D 117 15.47 1.34 7.78
N GLY D 118 16.46 1.31 8.67
CA GLY D 118 17.86 1.03 8.27
C GLY D 118 18.10 -0.42 7.87
N GLN D 119 17.30 -1.31 8.42
CA GLN D 119 17.38 -2.72 8.07
C GLN D 119 16.91 -2.93 6.67
N PHE D 120 16.24 -1.91 6.12
CA PHE D 120 15.71 -1.94 4.78
C PHE D 120 16.57 -1.15 3.84
N GLY D 121 17.61 -0.50 4.38
CA GLY D 121 18.54 0.30 3.61
C GLY D 121 18.06 1.61 3.03
N VAL D 122 17.08 2.26 3.68
CA VAL D 122 16.52 3.56 3.24
C VAL D 122 16.39 4.61 4.39
N GLY D 123 17.19 4.44 5.42
CA GLY D 123 17.15 5.22 6.66
C GLY D 123 17.61 6.65 6.52
N PHE D 124 18.22 6.98 5.38
CA PHE D 124 18.49 8.40 5.04
C PHE D 124 17.21 9.20 5.12
N TYR D 125 16.11 8.59 4.67
CA TYR D 125 14.87 9.34 4.53
C TYR D 125 14.15 9.63 5.86
N SER D 126 14.60 9.01 6.95
CA SER D 126 14.10 9.33 8.28
C SER D 126 14.47 10.76 8.69
N LEU D 127 15.43 11.40 7.99
CA LEU D 127 15.66 12.83 8.27
C LEU D 127 14.38 13.66 8.11
N PHE D 128 13.47 13.22 7.25
CA PHE D 128 12.22 13.95 7.03
C PHE D 128 11.22 13.88 8.19
N LEU D 129 11.51 13.06 9.18
CA LEU D 129 10.80 13.12 10.49
C LEU D 129 10.98 14.45 11.21
N VAL D 130 12.15 15.09 11.11
CA VAL D 130 12.44 16.34 11.86
C VAL D 130 12.70 17.59 10.99
N ALA D 131 12.86 17.39 9.69
CA ALA D 131 13.23 18.47 8.78
C ALA D 131 12.34 18.53 7.57
N ASP D 132 12.07 19.74 7.11
CA ASP D 132 11.28 19.94 5.89
CA ASP D 132 11.28 19.93 5.88
C ASP D 132 12.17 20.18 4.66
N ARG D 133 13.48 20.33 4.89
CA ARG D 133 14.42 20.64 3.82
C ARG D 133 15.79 20.12 4.24
N VAL D 134 16.61 19.71 3.28
CA VAL D 134 17.94 19.12 3.57
C VAL D 134 18.90 19.49 2.45
N GLN D 135 20.14 19.78 2.81
CA GLN D 135 21.23 19.82 1.85
C GLN D 135 22.22 18.74 2.27
N VAL D 136 22.65 17.97 1.27
CA VAL D 136 23.73 17.06 1.44
C VAL D 136 24.93 17.64 0.67
N ILE D 137 25.98 17.93 1.41
CA ILE D 137 27.17 18.57 0.84
C ILE D 137 28.23 17.49 0.91
N SER D 138 28.86 17.20 -0.23
CA SER D 138 29.72 16.04 -0.30
C SER D 138 30.94 16.25 -1.19
N LYS D 139 32.04 15.71 -0.69
CA LYS D 139 33.35 15.79 -1.37
C LYS D 139 33.96 14.38 -1.35
N SER D 140 33.93 13.76 -2.50
CA SER D 140 34.74 12.56 -2.79
C SER D 140 36.12 12.98 -3.31
N ASN D 141 37.12 12.17 -2.95
CA ASN D 141 38.46 12.28 -3.52
C ASN D 141 38.43 12.26 -5.07
N ASP D 142 37.36 11.72 -5.62
CA ASP D 142 37.26 11.59 -7.09
C ASP D 142 36.44 12.67 -7.81
N ASP D 143 35.99 13.69 -7.08
CA ASP D 143 35.19 14.76 -7.72
C ASP D 143 35.35 16.08 -6.96
N GLU D 144 34.76 17.14 -7.51
CA GLU D 144 34.66 18.42 -6.85
C GLU D 144 33.57 18.32 -5.79
N GLN D 145 33.49 19.34 -4.93
CA GLN D 145 32.44 19.38 -3.89
C GLN D 145 31.10 19.74 -4.52
N TYR D 146 30.03 19.02 -4.14
CA TYR D 146 28.68 19.22 -4.70
C TYR D 146 27.64 19.31 -3.61
N ILE D 147 26.53 19.98 -3.93
CA ILE D 147 25.41 20.14 -3.01
C ILE D 147 24.16 19.54 -3.61
N TRP D 148 23.60 18.57 -2.91
CA TRP D 148 22.30 18.03 -3.26
C TRP D 148 21.27 18.70 -2.31
N GLU D 149 20.10 19.05 -2.82
CA GLU D 149 19.06 19.68 -1.98
C GLU D 149 17.66 19.24 -2.30
N SER D 150 16.89 18.96 -1.24
CA SER D 150 15.49 18.54 -1.33
C SER D 150 14.67 19.39 -0.34
N ASN D 151 13.55 19.94 -0.82
CA ASN D 151 12.62 20.72 0.00
CA ASN D 151 12.63 20.73 0.00
C ASN D 151 11.40 19.90 0.37
N ALA D 152 11.55 18.57 0.29
CA ALA D 152 10.51 17.60 0.59
C ALA D 152 9.42 17.55 -0.51
N GLY D 153 9.65 18.28 -1.60
CA GLY D 153 8.78 18.24 -2.77
C GLY D 153 9.15 17.07 -3.66
N GLY D 154 8.66 17.09 -4.90
CA GLY D 154 8.90 15.99 -5.86
C GLY D 154 10.19 16.03 -6.69
N SER D 155 10.98 17.09 -6.55
CA SER D 155 12.27 17.20 -7.26
C SER D 155 13.41 17.59 -6.32
N PHE D 156 14.65 17.33 -6.76
CA PHE D 156 15.87 17.79 -6.08
C PHE D 156 16.84 18.49 -7.05
N THR D 157 17.77 19.26 -6.51
CA THR D 157 18.77 19.93 -7.30
C THR D 157 20.15 19.41 -6.92
N VAL D 158 21.07 19.47 -7.89
CA VAL D 158 22.47 19.19 -7.64
C VAL D 158 23.31 20.31 -8.21
N THR D 159 24.10 20.94 -7.34
CA THR D 159 24.86 22.16 -7.70
C THR D 159 26.32 22.03 -7.27
N LEU D 160 27.25 22.36 -8.16
CA LEU D 160 28.65 22.50 -7.84
C LEU D 160 28.78 23.54 -6.70
N ASP D 161 29.55 23.19 -5.67
CA ASP D 161 29.54 23.98 -4.44
C ASP D 161 30.61 25.05 -4.52
N GLU D 162 30.18 26.30 -4.62
CA GLU D 162 31.07 27.45 -4.50
C GLU D 162 30.67 28.34 -3.33
N VAL D 163 29.99 27.75 -2.34
CA VAL D 163 29.37 28.55 -1.27
C VAL D 163 29.60 28.01 0.14
N ASN D 164 29.91 26.72 0.29
CA ASN D 164 30.09 26.20 1.65
C ASN D 164 31.54 26.02 1.98
N GLU D 165 31.86 25.84 3.26
CA GLU D 165 33.24 25.50 3.63
C GLU D 165 33.70 24.28 2.86
N ARG D 166 34.99 24.26 2.53
CA ARG D 166 35.65 23.07 2.00
C ARG D 166 35.68 22.00 3.07
N ILE D 167 35.16 20.87 2.70
CA ILE D 167 35.33 19.78 3.56
C ILE D 167 36.50 19.10 2.78
N GLY D 168 37.54 18.72 3.47
CA GLY D 168 38.66 18.04 2.81
C GLY D 168 38.16 16.78 2.09
N ARG D 169 37.26 16.04 2.74
CA ARG D 169 36.65 14.81 2.16
C ARG D 169 35.49 14.40 3.06
N GLY D 170 34.40 13.86 2.50
CA GLY D 170 33.29 13.39 3.34
C GLY D 170 31.99 14.09 3.01
N THR D 171 31.08 14.17 4.00
CA THR D 171 29.70 14.60 3.72
C THR D 171 29.16 15.38 4.92
N ILE D 172 28.36 16.40 4.64
CA ILE D 172 27.58 17.07 5.67
C ILE D 172 26.14 16.89 5.27
N LEU D 173 25.36 16.40 6.22
CA LEU D 173 23.90 16.50 6.15
C LEU D 173 23.43 17.74 6.92
N ARG D 174 22.93 18.73 6.19
CA ARG D 174 22.50 19.99 6.76
C ARG D 174 20.99 19.94 6.79
N LEU D 175 20.46 19.71 7.99
CA LEU D 175 19.04 19.62 8.22
C LEU D 175 18.44 20.95 8.65
N PHE D 176 17.42 21.39 7.91
CA PHE D 176 16.69 22.60 8.26
C PHE D 176 15.49 22.11 9.03
N LEU D 177 15.59 22.18 10.36
CA LEU D 177 14.62 21.59 11.24
C LEU D 177 13.24 22.28 11.17
N LYS D 178 12.20 21.47 11.34
CA LYS D 178 10.82 21.95 11.54
C LYS D 178 10.75 22.70 12.85
N ASP D 179 9.81 23.64 12.94
CA ASP D 179 9.68 24.52 14.12
C ASP D 179 9.31 23.78 15.41
N ASP D 180 8.73 22.60 15.26
CA ASP D 180 8.33 21.80 16.41
C ASP D 180 9.34 20.71 16.79
N GLN D 181 10.48 20.71 16.09
CA GLN D 181 11.60 19.79 16.34
C GLN D 181 12.92 20.51 16.69
N LEU D 182 12.82 21.70 17.28
CA LEU D 182 14.01 22.48 17.65
C LEU D 182 14.74 21.96 18.88
N GLU D 183 14.16 21.00 19.58
CA GLU D 183 14.85 20.33 20.71
C GLU D 183 16.19 19.67 20.28
N TYR D 184 16.29 19.33 18.99
CA TYR D 184 17.48 18.70 18.44
C TYR D 184 18.63 19.69 18.18
N LEU D 185 18.44 20.93 18.61
CA LEU D 185 19.50 21.92 18.64
C LEU D 185 20.14 22.00 20.05
N GLU D 186 19.49 21.36 21.02
CA GLU D 186 19.91 21.40 22.45
C GLU D 186 21.03 20.41 22.73
N GLU D 187 22.12 20.91 23.28
CA GLU D 187 23.22 20.06 23.71
C GLU D 187 22.76 18.81 24.52
N LYS D 188 21.95 19.02 25.55
CA LYS D 188 21.62 17.93 26.47
C LYS D 188 20.78 16.85 25.78
N ARG D 189 19.90 17.30 24.89
CA ARG D 189 19.10 16.38 24.12
C ARG D 189 19.93 15.57 23.11
N ILE D 190 20.78 16.24 22.35
CA ILE D 190 21.65 15.56 21.37
C ILE D 190 22.52 14.53 22.06
N LYS D 191 23.19 14.95 23.14
CA LYS D 191 23.96 14.03 23.99
C LYS D 191 23.18 12.79 24.41
N GLU D 192 21.96 12.96 24.93
CA GLU D 192 21.22 11.80 25.41
C GLU D 192 20.78 10.82 24.29
N VAL D 193 20.38 11.35 23.13
CA VAL D 193 20.06 10.53 21.96
C VAL D 193 21.29 9.73 21.46
N ILE D 194 22.45 10.39 21.34
CA ILE D 194 23.67 9.71 20.91
C ILE D 194 23.98 8.59 21.89
N LYS D 195 24.08 8.92 23.18
CA LYS D 195 24.51 7.97 24.20
C LYS D 195 23.66 6.71 24.26
N ARG D 196 22.35 6.85 24.03
CA ARG D 196 21.46 5.70 24.22
C ARG D 196 21.18 4.85 22.99
N HIS D 197 21.47 5.38 21.80
CA HIS D 197 21.19 4.64 20.57
C HIS D 197 22.40 4.42 19.66
N SER D 198 23.54 5.01 20.01
CA SER D 198 24.78 4.90 19.22
C SER D 198 26.01 4.58 20.10
N GLU D 199 25.88 3.57 20.97
CA GLU D 199 26.95 3.15 21.93
C GLU D 199 28.17 2.46 21.29
N PHE D 200 27.93 1.69 20.23
CA PHE D 200 29.00 0.93 19.60
C PHE D 200 29.47 1.57 18.30
N VAL D 201 29.84 2.84 18.36
CA VAL D 201 30.34 3.50 17.16
C VAL D 201 31.85 3.51 17.30
N ALA D 202 32.55 3.00 16.29
CA ALA D 202 34.02 2.96 16.33
C ALA D 202 34.72 4.30 16.27
N TYR D 203 34.07 5.31 15.70
CA TYR D 203 34.72 6.59 15.43
C TYR D 203 34.33 7.60 16.47
N PRO D 204 35.19 8.58 16.72
CA PRO D 204 34.81 9.65 17.64
C PRO D 204 33.59 10.43 17.14
N ILE D 205 32.65 10.67 18.03
CA ILE D 205 31.49 11.56 17.75
C ILE D 205 31.70 12.87 18.49
N GLN D 206 31.92 13.92 17.72
CA GLN D 206 32.16 15.24 18.30
C GLN D 206 30.88 16.04 18.28
N LEU D 207 30.64 16.79 19.37
CA LEU D 207 29.55 17.71 19.43
C LEU D 207 30.14 19.12 19.55
N VAL D 208 29.72 19.99 18.65
CA VAL D 208 30.16 21.40 18.63
C VAL D 208 29.13 22.22 19.39
N VAL D 209 29.56 22.85 20.47
CA VAL D 209 28.65 23.64 21.28
C VAL D 209 29.14 25.09 21.32
N THR D 210 28.21 26.03 21.13
CA THR D 210 28.53 27.44 21.06
C THR D 210 27.95 28.08 22.31
N LYS D 211 28.81 28.56 23.22
CA LYS D 211 28.38 29.27 24.40
C LYS D 211 28.89 30.70 24.49
N GLU D 212 28.09 31.58 25.10
CA GLU D 212 28.55 32.94 25.38
C GLU D 212 29.51 32.92 26.55
N VAL D 213 30.62 33.64 26.39
CA VAL D 213 31.58 33.87 27.44
C VAL D 213 31.02 34.92 28.40
N GLU D 214 30.86 34.54 29.66
CA GLU D 214 30.22 35.43 30.65
C GLU D 214 31.15 36.56 31.10
O37 BC6 E . 7.99 -14.70 -0.89
C21 BC6 E . 6.85 -14.34 -1.20
C20 BC6 E . 6.46 -14.63 -2.57
C36 BC6 E . 7.36 -14.13 -3.67
C19 BC6 E . 5.34 -15.40 -2.80
C18 BC6 E . 4.78 -15.81 -4.12
C17 BC6 E . 3.26 -15.92 -3.94
C16 BC6 E . 2.78 -17.17 -3.21
C35 BC6 E . 3.27 -18.46 -3.88
N22 BC6 E . 6.08 -13.73 -0.30
C3 BC6 E . 4.94 -13.00 -0.55
C4 BC6 E . 3.89 -13.13 0.33
C5 BC6 E . 2.69 -12.43 0.13
O36 BC6 E . 1.67 -12.65 1.02
C6 BC6 E . 2.54 -11.58 -0.96
C1 BC6 E . 3.61 -11.44 -1.87
C2 BC6 E . 4.81 -12.14 -1.64
C7 BC6 E . 3.51 -10.58 -3.10
C8 BC6 E . 2.87 -11.30 -4.32
C25 BC6 E . 3.74 -12.44 -4.88
C9 BC6 E . 1.44 -11.79 -4.00
C10 BC6 E . 0.72 -12.59 -5.08
O26 BC6 E . 0.67 -11.84 -6.32
C27 BC6 E . 0.51 -12.62 -7.47
C11 BC6 E . -0.71 -12.95 -4.70
O28 BC6 E . -1.41 -11.69 -4.52
C12 BC6 E . -0.77 -13.79 -3.41
C29 BC6 E . -2.23 -14.13 -3.15
C13 BC6 E . -0.07 -15.13 -3.61
C14 BC6 E . 0.68 -15.82 -2.69
C30 BC6 E . 0.92 -15.34 -1.28
C15 BC6 E . 1.23 -17.16 -3.12
O31 BC6 E . 0.89 -18.10 -2.11
C32 BC6 E . -0.40 -18.75 -2.22
O33 BC6 E . -1.13 -18.43 -3.14
N34 BC6 E . -0.62 -19.66 -1.29
S SO4 F . -9.55 -33.18 -2.72
O1 SO4 F . -9.54 -31.83 -3.28
O2 SO4 F . -10.41 -33.19 -1.54
O3 SO4 F . -10.08 -34.07 -3.76
O4 SO4 F . -8.20 -33.61 -2.34
S SO4 G . 7.65 -5.40 -6.11
O1 SO4 G . 6.39 -4.69 -6.34
O2 SO4 G . 7.88 -5.46 -4.65
O3 SO4 G . 7.53 -6.76 -6.63
O4 SO4 G . 8.72 -4.69 -6.80
S SO4 H . 13.42 -27.02 -13.64
O1 SO4 H . 13.26 -25.90 -14.56
O2 SO4 H . 12.17 -27.76 -13.51
O3 SO4 H . 14.44 -27.90 -14.20
O4 SO4 H . 13.86 -26.55 -12.33
O37 BC6 I . -13.41 4.17 8.96
C21 BC6 I . -12.25 3.84 9.24
C20 BC6 I . -11.52 4.72 10.13
C36 BC6 I . -11.28 6.13 9.69
C19 BC6 I . -11.14 4.19 11.33
C18 BC6 I . -10.42 4.96 12.38
C17 BC6 I . -9.49 4.06 13.17
C16 BC6 I . -10.16 3.09 14.12
C35 BC6 I . -10.95 3.80 15.22
N22 BC6 I . -11.74 2.69 8.78
C3 BC6 I . -10.42 2.29 8.78
C4 BC6 I . -10.15 0.95 9.04
C5 BC6 I . -8.82 0.48 9.03
O36 BC6 I . -8.55 -0.83 9.31
C6 BC6 I . -7.79 1.37 8.77
C1 BC6 I . -8.05 2.72 8.52
C2 BC6 I . -9.38 3.17 8.51
C7 BC6 I . -6.92 3.70 8.28
C8 BC6 I . -6.31 4.34 9.56
C25 BC6 I . -7.30 5.28 10.25
C9 BC6 I . -5.78 3.24 10.52
C10 BC6 I . -5.23 3.73 11.85
O26 BC6 I . -4.24 4.78 11.62
C27 BC6 I . -3.93 5.56 12.75
C11 BC6 I . -4.64 2.58 12.68
O28 BC6 I . -3.54 2.06 11.90
C12 BC6 I . -5.67 1.46 12.98
C29 BC6 I . -4.97 0.45 13.89
C13 BC6 I . -6.87 1.93 13.80
C14 BC6 I . -8.16 1.54 13.70
C30 BC6 I . -8.68 0.52 12.73
C15 BC6 I . -9.09 2.15 14.74
O31 BC6 I . -9.77 1.03 15.29
C32 BC6 I . -9.17 0.39 16.42
O33 BC6 I . -8.08 0.80 16.83
N34 BC6 I . -9.91 -0.61 16.90
S SO4 J . -10.68 -5.30 32.55
O1 SO4 J . -11.93 -4.75 32.05
O2 SO4 J . -10.83 -6.75 32.74
O3 SO4 J . -9.57 -5.08 31.62
O4 SO4 J . -10.33 -4.66 33.83
S SO4 K . -5.88 9.03 3.16
O1 SO4 K . -5.68 10.10 2.19
O2 SO4 K . -7.00 8.17 2.76
O3 SO4 K . -4.69 8.19 3.22
O4 SO4 K . -6.17 9.62 4.46
O37 BC6 L . -11.49 8.35 -13.79
C21 BC6 L . -12.27 9.25 -14.04
C20 BC6 L . -11.67 10.51 -14.48
C36 BC6 L . -10.57 11.09 -13.64
C19 BC6 L . -12.11 11.01 -15.64
C18 BC6 L . -11.65 12.25 -16.34
C17 BC6 L . -12.82 12.82 -17.13
C16 BC6 L . -13.17 12.05 -18.40
C35 BC6 L . -11.99 11.93 -19.37
N22 BC6 L . -13.58 9.01 -13.96
C3 BC6 L . -14.55 9.94 -13.79
C4 BC6 L . -15.78 9.64 -14.37
C5 BC6 L . -16.83 10.51 -14.27
O36 BC6 L . -18.02 10.19 -14.87
C6 BC6 L . -16.68 11.71 -13.57
C1 BC6 L . -15.45 12.03 -12.98
C2 BC6 L . -14.38 11.14 -13.09
C7 BC6 L . -15.31 13.38 -12.28
C8 BC6 L . -14.83 14.49 -13.23
C25 BC6 L . -13.39 14.30 -13.75
C9 BC6 L . -15.84 14.73 -14.38
C10 BC6 L . -15.50 15.81 -15.41
O26 BC6 L . -15.16 17.04 -14.76
C27 BC6 L . -14.32 17.85 -15.58
C11 BC6 L . -16.65 16.06 -16.40
O28 BC6 L . -17.81 16.56 -15.68
C12 BC6 L . -17.02 14.80 -17.20
C29 BC6 L . -18.13 15.16 -18.20
C13 BC6 L . -15.85 14.29 -18.02
C14 BC6 L . -15.55 12.98 -18.23
C30 BC6 L . -16.32 11.81 -17.63
C15 BC6 L . -14.37 12.69 -19.11
O31 BC6 L . -14.78 11.76 -20.12
C32 BC6 L . -15.51 12.26 -21.26
O33 BC6 L . -15.69 13.46 -21.36
N34 BC6 L . -15.94 11.35 -22.14
S SO4 M . -16.89 13.29 -38.36
O1 SO4 M . -16.47 14.24 -39.40
O2 SO4 M . -17.26 14.12 -37.20
O3 SO4 M . -18.01 12.45 -38.80
O4 SO4 M . -15.78 12.37 -38.07
S SO4 N . -12.79 14.72 -5.93
O1 SO4 N . -13.46 15.83 -5.25
O2 SO4 N . -13.56 13.50 -5.73
O3 SO4 N . -12.70 15.00 -7.36
O4 SO4 N . -11.44 14.62 -5.39
O37 BC6 O . 18.88 5.46 3.01
C21 BC6 O . 20.03 5.22 2.67
C20 BC6 O . 20.53 5.99 1.53
C36 BC6 O . 19.71 5.93 0.26
C19 BC6 O . 21.61 6.77 1.73
C18 BC6 O . 22.27 7.67 0.72
C17 BC6 O . 23.76 7.81 0.98
C16 BC6 O . 24.15 8.57 2.25
C35 BC6 O . 23.70 10.04 2.21
N22 BC6 O . 20.75 4.36 3.37
C3 BC6 O . 21.92 3.78 2.99
C4 BC6 O . 22.87 3.57 4.00
C5 BC6 O . 24.08 2.99 3.69
O36 BC6 O . 25.00 2.80 4.65
C6 BC6 O . 24.37 2.60 2.38
C1 BC6 O . 23.44 2.79 1.36
C2 BC6 O . 22.20 3.37 1.67
C7 BC6 O . 23.80 2.39 -0.06
C8 BC6 O . 24.56 3.47 -0.87
C25 BC6 O . 23.74 4.74 -1.17
C9 BC6 O . 25.93 3.83 -0.25
C10 BC6 O . 26.67 5.01 -0.89
O26 BC6 O . 26.83 4.78 -2.30
C27 BC6 O . 26.92 6.00 -3.05
C11 BC6 O . 28.04 5.23 -0.22
O28 BC6 O . 28.82 4.02 -0.40
C12 BC6 O . 27.87 5.56 1.26
C29 BC6 O . 29.25 5.70 1.94
C13 BC6 O . 27.13 6.89 1.48
C14 BC6 O . 26.26 7.11 2.50
C30 BC6 O . 25.91 6.06 3.54
C15 BC6 O . 25.66 8.48 2.58
O31 BC6 O . 25.83 9.05 3.88
C32 BC6 O . 27.15 9.58 4.17
O33 BC6 O . 28.00 9.61 3.29
N34 BC6 O . 27.32 10.03 5.40
S SO4 P . 36.06 22.95 9.97
O1 SO4 P . 36.71 24.12 9.39
O2 SO4 P . 34.61 23.18 9.98
O3 SO4 P . 36.41 21.80 9.12
O4 SO4 P . 36.50 22.72 11.34
S SO4 Q . 19.87 -1.67 -4.96
O1 SO4 Q . 19.08 -0.51 -5.41
O2 SO4 Q . 19.92 -1.69 -3.50
O3 SO4 Q . 19.27 -2.89 -5.49
O4 SO4 Q . 21.23 -1.58 -5.49
#